data_9GCJ
#
_entry.id   9GCJ
#
_cell.length_a   68.161
_cell.length_b   98.307
_cell.length_c   81.776
_cell.angle_alpha   90.000
_cell.angle_beta   97.632
_cell.angle_gamma   90.000
#
_symmetry.space_group_name_H-M   'P 1 21 1'
#
loop_
_entity.id
_entity.type
_entity.pdbx_description
1 polymer beta-glucosidase
2 non-polymer beta-D-glucopyranose
3 non-polymer 'PENTAETHYLENE GLYCOL'
4 non-polymer DI(HYDROXYETHYL)ETHER
5 non-polymer 'CHLORIDE ION'
6 water water
#
_entity_poly.entity_id   1
_entity_poly.type   'polypeptide(L)'
_entity_poly.pdbx_seq_one_letter_code
;GSHMLEDPMSFPKGFLWGAATASYQIEGAWNEDGKGESIWDRFTHQKRNILYGHNGDVACDHYHRFEEDVSLMKELGLKA
YRFSIAWTRIFPDGFGTVNQKGLEFYDRLINKLVENGIEPVVTLYHWDLPQKLQDIGGWANPEIVNYYFDYAMLVINRYK
DKVKKWITFNEPYCIAFLGYFHGIHAPGIKDFKVAMDVVHSLMLSHFKVVKAVKENNIDVEVGITLNLTPVYLQTERLGY
KVSEIEREMVSLSSQLDNQLFLDPVLKGSYPQKLLDYLVQKDLLDSQKALSMQQEVKENFIFPDFLGINYYTRAVRLYDE
NSSWIFPIRWEHPAGEYTEMGWEVFPQGLFDLLIWIKESYPQIPIYITENGAAYNDIVTEDGKVHDSKRIEYLKQHFEAA
RKAIENGVDLRGYFVWSLMDNFEWAMGYTKRFGIIYVDYETQKRIKKDSFYFYQQYIKENS
;
_entity_poly.pdbx_strand_id   A,B
#
loop_
_chem_comp.id
_chem_comp.type
_chem_comp.name
_chem_comp.formula
1PE non-polymer 'PENTAETHYLENE GLYCOL' 'C10 H22 O6'
BGC D-saccharide, beta linking beta-D-glucopyranose 'C6 H12 O6'
CL non-polymer 'CHLORIDE ION' 'Cl -1'
PEG non-polymer DI(HYDROXYETHYL)ETHER 'C4 H10 O3'
#
# COMPACT_ATOMS: atom_id res chain seq x y z
N MET A 4 -34.15 -39.42 -39.55
CA MET A 4 -33.59 -40.21 -38.40
C MET A 4 -32.75 -39.28 -37.53
N LEU A 5 -32.96 -39.36 -36.21
CA LEU A 5 -32.23 -38.58 -35.22
C LEU A 5 -30.74 -38.95 -35.26
N GLU A 6 -29.92 -38.00 -35.75
CA GLU A 6 -28.48 -38.03 -35.56
C GLU A 6 -28.13 -37.25 -34.29
N ASP A 7 -27.13 -37.73 -33.54
CA ASP A 7 -26.72 -37.09 -32.30
C ASP A 7 -26.68 -35.57 -32.48
N PRO A 8 -27.31 -34.79 -31.57
CA PRO A 8 -27.15 -33.33 -31.56
C PRO A 8 -25.68 -32.92 -31.57
N MET A 9 -25.31 -31.96 -32.43
CA MET A 9 -24.03 -31.31 -32.25
C MET A 9 -24.05 -30.66 -30.87
N SER A 10 -23.05 -31.02 -30.07
CA SER A 10 -22.86 -30.47 -28.74
C SER A 10 -21.57 -29.65 -28.76
N PHE A 11 -21.21 -29.11 -27.61
CA PHE A 11 -19.96 -28.40 -27.47
C PHE A 11 -18.83 -29.37 -27.77
N PRO A 12 -17.79 -29.00 -28.54
CA PRO A 12 -16.74 -29.96 -28.88
C PRO A 12 -16.00 -30.40 -27.60
N LYS A 13 -15.32 -31.54 -27.69
CA LYS A 13 -14.46 -31.99 -26.61
C LYS A 13 -13.35 -30.96 -26.40
N GLY A 14 -13.02 -30.69 -25.14
CA GLY A 14 -11.98 -29.73 -24.82
C GLY A 14 -12.47 -28.27 -24.79
N PHE A 15 -13.73 -28.04 -25.16
CA PHE A 15 -14.34 -26.71 -25.10
C PHE A 15 -14.04 -26.04 -23.77
N LEU A 16 -13.54 -24.81 -23.80
CA LEU A 16 -13.08 -24.16 -22.59
C LEU A 16 -14.25 -23.42 -21.93
N TRP A 17 -14.95 -24.10 -21.02
CA TRP A 17 -15.90 -23.45 -20.13
C TRP A 17 -15.11 -22.69 -19.07
N GLY A 18 -15.29 -21.38 -19.01
CA GLY A 18 -14.48 -20.61 -18.08
C GLY A 18 -15.26 -19.48 -17.44
N ALA A 19 -14.52 -18.68 -16.66
CA ALA A 19 -14.97 -17.43 -16.08
C ALA A 19 -13.84 -16.43 -16.20
N ALA A 20 -14.20 -15.14 -16.27
CA ALA A 20 -13.27 -14.07 -16.55
C ALA A 20 -13.32 -13.01 -15.45
N THR A 21 -12.12 -12.46 -15.18
CA THR A 21 -11.91 -11.29 -14.33
C THR A 21 -10.87 -10.36 -15.00
N ALA A 22 -10.63 -9.21 -14.36
CA ALA A 22 -9.56 -8.29 -14.72
C ALA A 22 -8.90 -7.76 -13.44
N SER A 23 -7.59 -7.47 -13.53
CA SER A 23 -6.73 -7.21 -12.38
C SER A 23 -7.29 -6.07 -11.52
N TYR A 24 -7.59 -4.92 -12.15
CA TYR A 24 -8.04 -3.76 -11.39
C TYR A 24 -9.40 -4.04 -10.74
N GLN A 25 -10.23 -4.90 -11.35
CA GLN A 25 -11.58 -5.08 -10.89
C GLN A 25 -11.64 -6.00 -9.65
N ILE A 26 -10.62 -6.84 -9.40
CA ILE A 26 -10.69 -7.80 -8.32
C ILE A 26 -9.50 -7.74 -7.34
N GLU A 27 -8.32 -7.24 -7.74
CA GLU A 27 -7.10 -7.62 -7.02
C GLU A 27 -6.98 -6.86 -5.70
N GLY A 28 -7.31 -5.57 -5.68
CA GLY A 28 -6.93 -4.71 -4.58
C GLY A 28 -5.41 -4.61 -4.47
N ALA A 29 -4.92 -4.44 -3.23
CA ALA A 29 -3.49 -4.38 -2.95
C ALA A 29 -2.84 -3.41 -3.92
N TRP A 30 -3.45 -2.23 -4.06
CA TRP A 30 -3.14 -1.32 -5.14
C TRP A 30 -1.73 -0.73 -5.02
N ASN A 31 -1.18 -0.72 -3.80
CA ASN A 31 0.11 -0.11 -3.54
C ASN A 31 1.05 -1.07 -2.83
N GLU A 32 0.76 -2.38 -2.90
CA GLU A 32 1.50 -3.36 -2.11
C GLU A 32 2.64 -3.96 -2.93
N ASP A 33 3.69 -4.37 -2.21
CA ASP A 33 4.78 -5.16 -2.75
C ASP A 33 5.38 -4.50 -3.99
N GLY A 34 5.48 -3.16 -3.96
CA GLY A 34 6.17 -2.40 -4.99
C GLY A 34 5.33 -2.03 -6.22
N LYS A 35 4.05 -2.45 -6.25
CA LYS A 35 3.23 -2.14 -7.41
C LYS A 35 3.19 -0.64 -7.65
N GLY A 36 3.35 -0.24 -8.91
CA GLY A 36 3.27 1.16 -9.27
C GLY A 36 1.83 1.61 -9.46
N GLU A 37 1.65 2.93 -9.51
CA GLU A 37 0.35 3.53 -9.75
C GLU A 37 -0.09 3.32 -11.20
N SER A 38 -1.31 2.82 -11.39
CA SER A 38 -1.94 2.73 -12.70
C SER A 38 -2.79 3.97 -12.93
N ILE A 39 -3.23 4.13 -14.17
CA ILE A 39 -4.13 5.22 -14.54
C ILE A 39 -5.48 5.04 -13.83
N TRP A 40 -5.83 3.80 -13.47
CA TRP A 40 -7.09 3.58 -12.73
C TRP A 40 -6.92 3.90 -11.25
N ASP A 41 -5.74 3.68 -10.67
CA ASP A 41 -5.48 4.18 -9.32
C ASP A 41 -5.69 5.70 -9.31
N ARG A 42 -5.13 6.39 -10.32
CA ARG A 42 -5.17 7.83 -10.43
C ARG A 42 -6.62 8.29 -10.62
N PHE A 43 -7.31 7.66 -11.59
CA PHE A 43 -8.67 8.02 -11.97
C PHE A 43 -9.64 7.85 -10.81
N THR A 44 -9.54 6.76 -10.04
CA THR A 44 -10.50 6.54 -8.98
C THR A 44 -10.17 7.35 -7.73
N HIS A 45 -8.94 7.85 -7.60
CA HIS A 45 -8.55 8.65 -6.46
C HIS A 45 -8.92 10.11 -6.67
N GLN A 46 -9.36 10.48 -7.88
CA GLN A 46 -9.84 11.83 -8.15
C GLN A 46 -11.34 11.89 -7.99
N LYS A 47 -11.83 13.10 -7.74
CA LYS A 47 -13.22 13.35 -7.42
C LYS A 47 -14.06 13.24 -8.69
N ARG A 48 -15.27 12.71 -8.53
CA ARG A 48 -16.34 12.85 -9.51
C ARG A 48 -16.15 11.93 -10.72
N ASN A 49 -15.30 10.91 -10.65
CA ASN A 49 -15.11 10.02 -11.80
C ASN A 49 -15.91 8.73 -11.67
N ILE A 50 -16.14 8.27 -10.43
CA ILE A 50 -16.78 7.00 -10.14
C ILE A 50 -18.03 7.24 -9.29
N LEU A 51 -19.11 6.51 -9.54
CA LEU A 51 -20.29 6.54 -8.68
C LEU A 51 -19.89 6.25 -7.24
N TYR A 52 -20.43 7.07 -6.33
CA TYR A 52 -20.31 6.86 -4.89
C TYR A 52 -18.86 7.02 -4.43
N GLY A 53 -17.98 7.55 -5.29
CA GLY A 53 -16.58 7.69 -4.95
C GLY A 53 -15.89 6.36 -4.68
N HIS A 54 -16.40 5.26 -5.25
CA HIS A 54 -15.78 3.95 -5.08
C HIS A 54 -14.42 3.90 -5.77
N ASN A 55 -13.56 3.00 -5.30
CA ASN A 55 -12.27 2.79 -5.93
C ASN A 55 -11.91 1.31 -5.81
N GLY A 56 -10.85 0.91 -6.50
CA GLY A 56 -10.38 -0.46 -6.50
C GLY A 56 -9.23 -0.72 -5.54
N ASP A 57 -9.10 0.09 -4.48
CA ASP A 57 -8.02 -0.06 -3.52
C ASP A 57 -8.01 -1.46 -2.91
N VAL A 58 -9.21 -1.99 -2.62
CA VAL A 58 -9.34 -3.32 -2.05
C VAL A 58 -10.05 -4.26 -3.03
N ALA A 59 -11.10 -3.76 -3.70
CA ALA A 59 -11.90 -4.57 -4.63
C ALA A 59 -12.34 -5.87 -3.95
N CYS A 60 -12.01 -7.03 -4.54
CA CYS A 60 -12.35 -8.33 -3.99
C CYS A 60 -11.20 -8.91 -3.16
N ASP A 61 -10.15 -8.10 -2.95
CA ASP A 61 -9.02 -8.52 -2.15
C ASP A 61 -8.40 -9.81 -2.69
N HIS A 62 -8.44 -9.99 -4.02
CA HIS A 62 -8.02 -11.26 -4.63
C HIS A 62 -6.51 -11.45 -4.49
N TYR A 63 -5.74 -10.36 -4.46
CA TYR A 63 -4.30 -10.50 -4.32
C TYR A 63 -4.01 -11.35 -3.08
N HIS A 64 -4.76 -11.09 -2.00
CA HIS A 64 -4.63 -11.82 -0.75
C HIS A 64 -5.43 -13.13 -0.74
N ARG A 65 -6.58 -13.19 -1.43
CA ARG A 65 -7.47 -14.33 -1.26
C ARG A 65 -7.51 -15.23 -2.50
N PHE A 66 -6.47 -15.18 -3.33
CA PHE A 66 -6.52 -15.89 -4.59
C PHE A 66 -6.63 -17.40 -4.40
N GLU A 67 -6.09 -17.94 -3.32
CA GLU A 67 -6.14 -19.37 -3.07
C GLU A 67 -7.59 -19.84 -2.86
N GLU A 68 -8.35 -19.12 -2.06
CA GLU A 68 -9.76 -19.40 -1.88
C GLU A 68 -10.50 -19.35 -3.21
N ASP A 69 -10.15 -18.37 -4.07
CA ASP A 69 -10.84 -18.15 -5.34
C ASP A 69 -10.53 -19.28 -6.33
N VAL A 70 -9.28 -19.75 -6.36
CA VAL A 70 -8.93 -20.90 -7.19
C VAL A 70 -9.71 -22.14 -6.70
N SER A 71 -9.84 -22.30 -5.37
CA SER A 71 -10.61 -23.37 -4.78
C SER A 71 -12.07 -23.34 -5.23
N LEU A 72 -12.67 -22.14 -5.30
CA LEU A 72 -14.02 -21.98 -5.82
C LEU A 72 -14.11 -22.34 -7.30
N MET A 73 -13.08 -21.99 -8.09
CA MET A 73 -13.04 -22.30 -9.51
C MET A 73 -13.03 -23.82 -9.73
N LYS A 74 -12.26 -24.50 -8.88
CA LYS A 74 -12.13 -25.95 -8.90
C LYS A 74 -13.48 -26.60 -8.55
N GLU A 75 -14.13 -26.12 -7.50
CA GLU A 75 -15.44 -26.59 -7.13
C GLU A 75 -16.44 -26.42 -8.28
N LEU A 76 -16.29 -25.37 -9.09
CA LEU A 76 -17.22 -25.05 -10.17
C LEU A 76 -16.98 -25.97 -11.36
N GLY A 77 -15.75 -26.48 -11.49
CA GLY A 77 -15.39 -27.33 -12.61
C GLY A 77 -14.99 -26.54 -13.87
N LEU A 78 -14.54 -25.28 -13.71
CA LEU A 78 -14.06 -24.48 -14.83
C LEU A 78 -12.94 -25.22 -15.55
N LYS A 79 -12.99 -25.24 -16.88
CA LYS A 79 -11.89 -25.78 -17.67
C LYS A 79 -10.79 -24.73 -17.85
N ALA A 80 -11.15 -23.45 -17.72
CA ALA A 80 -10.23 -22.34 -17.95
C ALA A 80 -10.67 -21.14 -17.13
N TYR A 81 -9.69 -20.28 -16.81
CA TYR A 81 -9.89 -19.03 -16.10
C TYR A 81 -9.14 -17.93 -16.86
N ARG A 82 -9.89 -16.91 -17.28
CA ARG A 82 -9.35 -15.71 -17.91
C ARG A 82 -9.18 -14.62 -16.86
N PHE A 83 -7.93 -14.16 -16.72
CA PHE A 83 -7.58 -13.07 -15.83
C PHE A 83 -6.58 -12.18 -16.55
N SER A 84 -6.35 -10.99 -15.99
CA SER A 84 -5.36 -10.09 -16.56
C SER A 84 -4.21 -9.88 -15.59
N ILE A 85 -3.04 -9.59 -16.18
CA ILE A 85 -1.84 -9.29 -15.44
C ILE A 85 -1.73 -7.77 -15.34
N ALA A 86 -1.45 -7.28 -14.13
CA ALA A 86 -1.31 -5.87 -13.86
C ALA A 86 0.11 -5.47 -14.22
N TRP A 87 0.25 -4.80 -15.36
CA TRP A 87 1.53 -4.28 -15.81
C TRP A 87 2.29 -3.63 -14.66
N THR A 88 1.59 -2.84 -13.83
CA THR A 88 2.25 -2.07 -12.78
C THR A 88 2.80 -2.96 -11.66
N ARG A 89 2.36 -4.22 -11.57
CA ARG A 89 2.96 -5.12 -10.60
C ARG A 89 4.30 -5.64 -11.10
N ILE A 90 4.49 -5.64 -12.42
CA ILE A 90 5.67 -6.18 -13.05
C ILE A 90 6.71 -5.09 -13.27
N PHE A 91 6.28 -4.00 -13.92
CA PHE A 91 7.09 -2.81 -14.12
C PHE A 91 6.38 -1.62 -13.50
N PRO A 92 6.65 -1.32 -12.21
CA PRO A 92 5.97 -0.21 -11.53
C PRO A 92 5.99 1.10 -12.33
N ASP A 93 7.10 1.34 -13.05
CA ASP A 93 7.25 2.54 -13.85
C ASP A 93 6.98 2.29 -15.34
N GLY A 94 6.46 1.11 -15.72
CA GLY A 94 6.17 0.81 -17.12
C GLY A 94 7.32 0.13 -17.86
N PHE A 95 8.55 0.59 -17.59
CA PHE A 95 9.77 -0.04 -18.09
C PHE A 95 10.83 0.07 -17.00
N GLY A 96 12.04 -0.40 -17.28
CA GLY A 96 13.13 -0.32 -16.34
C GLY A 96 13.22 -1.57 -15.48
N THR A 97 13.25 -1.40 -14.16
CA THR A 97 13.51 -2.51 -13.25
C THR A 97 12.26 -3.36 -13.09
N VAL A 98 12.44 -4.68 -13.14
CA VAL A 98 11.37 -5.63 -12.92
C VAL A 98 11.18 -5.83 -11.42
N ASN A 99 9.90 -5.90 -11.01
CA ASN A 99 9.52 -6.08 -9.62
C ASN A 99 9.31 -7.57 -9.37
N GLN A 100 10.24 -8.22 -8.67
CA GLN A 100 10.21 -9.67 -8.48
C GLN A 100 8.95 -10.10 -7.74
N LYS A 101 8.47 -9.27 -6.80
CA LYS A 101 7.32 -9.69 -6.00
C LYS A 101 6.06 -9.74 -6.86
N GLY A 102 5.97 -8.90 -7.89
CA GLY A 102 4.88 -8.97 -8.84
C GLY A 102 4.91 -10.27 -9.64
N LEU A 103 6.10 -10.66 -10.09
CA LEU A 103 6.25 -11.94 -10.78
C LEU A 103 5.84 -13.08 -9.86
N GLU A 104 6.19 -12.98 -8.57
CA GLU A 104 5.94 -14.05 -7.63
C GLU A 104 4.44 -14.23 -7.41
N PHE A 105 3.68 -13.12 -7.33
CA PHE A 105 2.24 -13.25 -7.25
C PHE A 105 1.71 -14.07 -8.42
N TYR A 106 2.05 -13.70 -9.65
CA TYR A 106 1.50 -14.37 -10.82
C TYR A 106 2.06 -15.80 -10.93
N ASP A 107 3.31 -16.00 -10.51
CA ASP A 107 3.84 -17.36 -10.46
C ASP A 107 2.93 -18.24 -9.60
N ARG A 108 2.58 -17.75 -8.41
CA ARG A 108 1.80 -18.51 -7.44
C ARG A 108 0.37 -18.75 -7.94
N LEU A 109 -0.25 -17.72 -8.51
CA LEU A 109 -1.58 -17.85 -9.07
C LEU A 109 -1.60 -18.87 -10.21
N ILE A 110 -0.68 -18.71 -11.18
CA ILE A 110 -0.64 -19.56 -12.34
C ILE A 110 -0.36 -21.01 -11.94
N ASN A 111 0.61 -21.25 -11.05
CA ASN A 111 0.89 -22.59 -10.56
C ASN A 111 -0.31 -23.20 -9.86
N LYS A 112 -1.02 -22.41 -9.04
CA LYS A 112 -2.18 -22.91 -8.34
C LYS A 112 -3.25 -23.35 -9.35
N LEU A 113 -3.43 -22.57 -10.42
CA LEU A 113 -4.41 -22.91 -11.43
C LEU A 113 -4.03 -24.23 -12.09
N VAL A 114 -2.78 -24.35 -12.53
CA VAL A 114 -2.31 -25.55 -13.21
C VAL A 114 -2.40 -26.76 -12.29
N GLU A 115 -1.99 -26.63 -11.02
CA GLU A 115 -2.13 -27.71 -10.05
C GLU A 115 -3.57 -28.21 -9.98
N ASN A 116 -4.54 -27.31 -10.17
CA ASN A 116 -5.94 -27.65 -9.99
C ASN A 116 -6.58 -28.05 -11.31
N GLY A 117 -5.79 -28.15 -12.38
CA GLY A 117 -6.28 -28.59 -13.68
C GLY A 117 -7.02 -27.52 -14.47
N ILE A 118 -6.83 -26.24 -14.12
CA ILE A 118 -7.51 -25.13 -14.77
C ILE A 118 -6.54 -24.46 -15.74
N GLU A 119 -6.96 -24.34 -17.01
CA GLU A 119 -6.15 -23.70 -18.02
C GLU A 119 -6.13 -22.18 -17.81
N PRO A 120 -4.96 -21.56 -17.56
CA PRO A 120 -4.88 -20.10 -17.46
C PRO A 120 -4.92 -19.46 -18.85
N VAL A 121 -5.78 -18.45 -18.99
CA VAL A 121 -5.85 -17.62 -20.17
C VAL A 121 -5.59 -16.17 -19.76
N VAL A 122 -4.52 -15.57 -20.27
CA VAL A 122 -4.05 -14.29 -19.74
C VAL A 122 -4.33 -13.18 -20.72
N THR A 123 -5.05 -12.15 -20.20
CA THR A 123 -5.14 -10.85 -20.84
C THR A 123 -3.94 -10.00 -20.43
N LEU A 124 -3.14 -9.58 -21.41
CA LEU A 124 -1.94 -8.81 -21.12
C LEU A 124 -2.29 -7.38 -20.69
N TYR A 125 -3.33 -6.80 -21.31
CA TYR A 125 -3.69 -5.42 -21.05
C TYR A 125 -5.21 -5.32 -20.89
N HIS A 126 -5.67 -5.13 -19.66
CA HIS A 126 -7.05 -4.86 -19.38
C HIS A 126 -7.18 -3.51 -18.66
N TRP A 127 -6.58 -2.47 -19.28
CA TRP A 127 -6.96 -1.07 -19.09
C TRP A 127 -6.10 -0.37 -18.03
N ASP A 128 -5.19 -1.07 -17.36
CA ASP A 128 -4.47 -0.52 -16.22
C ASP A 128 -3.05 -0.08 -16.59
N LEU A 129 -2.94 0.88 -17.51
CA LEU A 129 -1.65 1.39 -17.93
C LEU A 129 -0.91 1.97 -16.72
N PRO A 130 0.40 1.76 -16.59
CA PRO A 130 1.19 2.47 -15.57
C PRO A 130 1.04 3.98 -15.73
N GLN A 131 0.74 4.66 -14.62
CA GLN A 131 0.53 6.09 -14.64
C GLN A 131 1.79 6.79 -15.17
N LYS A 132 2.98 6.24 -14.88
CA LYS A 132 4.23 6.82 -15.35
C LYS A 132 4.30 6.86 -16.87
N LEU A 133 3.65 5.95 -17.57
CA LEU A 133 3.66 6.01 -19.02
C LEU A 133 2.58 6.96 -19.51
N GLN A 134 1.47 7.10 -18.75
CA GLN A 134 0.47 8.08 -19.09
C GLN A 134 1.08 9.48 -19.02
N ASP A 135 2.03 9.66 -18.10
CA ASP A 135 2.67 10.94 -17.86
C ASP A 135 3.39 11.43 -19.12
N ILE A 136 3.78 10.52 -20.03
CA ILE A 136 4.48 10.87 -21.26
C ILE A 136 3.59 10.61 -22.47
N GLY A 137 2.26 10.64 -22.29
CA GLY A 137 1.34 10.59 -23.42
C GLY A 137 0.50 9.32 -23.45
N GLY A 138 0.97 8.26 -22.77
CA GLY A 138 0.27 6.99 -22.78
C GLY A 138 0.22 6.37 -24.16
N TRP A 139 -0.96 5.84 -24.53
CA TRP A 139 -1.16 5.14 -25.80
C TRP A 139 -1.03 6.08 -27.00
N ALA A 140 -1.06 7.40 -26.77
CA ALA A 140 -0.92 8.38 -27.84
C ALA A 140 0.55 8.64 -28.18
N ASN A 141 1.47 8.16 -27.31
CA ASN A 141 2.89 8.25 -27.52
C ASN A 141 3.38 7.00 -28.26
N PRO A 142 3.92 7.12 -29.50
CA PRO A 142 4.34 5.94 -30.28
C PRO A 142 5.28 4.96 -29.56
N GLU A 143 6.03 5.45 -28.57
CA GLU A 143 7.02 4.64 -27.87
C GLU A 143 6.37 3.67 -26.88
N ILE A 144 5.10 3.90 -26.53
CA ILE A 144 4.33 2.99 -25.67
C ILE A 144 4.29 1.60 -26.29
N VAL A 145 4.21 1.55 -27.62
CA VAL A 145 4.17 0.31 -28.38
C VAL A 145 5.34 -0.57 -27.94
N ASN A 146 6.53 0.03 -27.81
CA ASN A 146 7.73 -0.72 -27.47
C ASN A 146 7.73 -1.13 -26.00
N TYR A 147 7.25 -0.25 -25.12
CA TYR A 147 7.23 -0.56 -23.69
C TYR A 147 6.22 -1.68 -23.42
N TYR A 148 5.09 -1.65 -24.12
CA TYR A 148 4.11 -2.71 -24.03
C TYR A 148 4.73 -4.03 -24.50
N PHE A 149 5.39 -3.98 -25.67
CA PHE A 149 5.97 -5.16 -26.27
C PHE A 149 6.98 -5.80 -25.32
N ASP A 150 7.82 -4.99 -24.65
CA ASP A 150 8.84 -5.50 -23.78
C ASP A 150 8.18 -6.20 -22.58
N TYR A 151 7.13 -5.58 -22.04
CA TYR A 151 6.36 -6.16 -20.94
C TYR A 151 5.74 -7.50 -21.38
N ALA A 152 5.08 -7.50 -22.55
CA ALA A 152 4.36 -8.67 -23.03
C ALA A 152 5.31 -9.86 -23.23
N MET A 153 6.47 -9.64 -23.85
CA MET A 153 7.39 -10.73 -24.17
C MET A 153 8.05 -11.26 -22.90
N LEU A 154 8.25 -10.39 -21.91
CA LEU A 154 8.76 -10.83 -20.62
C LEU A 154 7.78 -11.81 -19.98
N VAL A 155 6.47 -11.50 -19.95
CA VAL A 155 5.59 -12.39 -19.21
C VAL A 155 5.27 -13.62 -20.07
N ILE A 156 5.22 -13.49 -21.40
CA ILE A 156 5.04 -14.65 -22.27
C ILE A 156 6.20 -15.62 -22.08
N ASN A 157 7.43 -15.13 -22.09
CA ASN A 157 8.58 -16.01 -21.97
C ASN A 157 8.63 -16.63 -20.57
N ARG A 158 8.14 -15.91 -19.55
CA ARG A 158 8.15 -16.47 -18.21
C ARG A 158 7.13 -17.61 -18.06
N TYR A 159 5.95 -17.48 -18.66
CA TYR A 159 4.83 -18.33 -18.30
C TYR A 159 4.38 -19.25 -19.43
N LYS A 160 5.05 -19.22 -20.57
CA LYS A 160 4.62 -19.98 -21.75
C LYS A 160 4.50 -21.49 -21.48
N ASP A 161 5.22 -22.03 -20.50
CA ASP A 161 5.10 -23.44 -20.18
C ASP A 161 3.71 -23.76 -19.64
N LYS A 162 3.08 -22.80 -18.95
CA LYS A 162 1.82 -23.04 -18.29
C LYS A 162 0.66 -22.27 -18.93
N VAL A 163 0.96 -21.17 -19.62
CA VAL A 163 -0.07 -20.34 -20.26
C VAL A 163 0.13 -20.40 -21.76
N LYS A 164 -0.90 -20.92 -22.44
CA LYS A 164 -0.83 -21.24 -23.85
C LYS A 164 -1.74 -20.34 -24.67
N LYS A 165 -2.54 -19.51 -23.99
CA LYS A 165 -3.45 -18.59 -24.65
C LYS A 165 -3.32 -17.20 -24.02
N TRP A 166 -2.98 -16.25 -24.89
CA TRP A 166 -2.63 -14.89 -24.53
C TRP A 166 -3.48 -13.93 -25.35
N ILE A 167 -4.07 -12.97 -24.65
CA ILE A 167 -4.91 -11.95 -25.24
C ILE A 167 -4.18 -10.62 -25.10
N THR A 168 -3.86 -9.99 -26.22
CA THR A 168 -3.02 -8.80 -26.20
C THR A 168 -3.76 -7.67 -25.50
N PHE A 169 -5.03 -7.44 -25.92
CA PHE A 169 -5.84 -6.35 -25.43
C PHE A 169 -7.26 -6.80 -25.18
N ASN A 170 -7.83 -6.29 -24.09
CA ASN A 170 -9.26 -6.36 -23.87
C ASN A 170 -9.91 -5.09 -24.38
N GLU A 171 -10.79 -5.25 -25.39
CA GLU A 171 -11.68 -4.21 -25.89
C GLU A 171 -10.93 -2.92 -26.22
N PRO A 172 -10.12 -2.88 -27.28
CA PRO A 172 -9.45 -1.63 -27.68
C PRO A 172 -10.40 -0.47 -27.99
N TYR A 173 -11.64 -0.77 -28.38
CA TYR A 173 -12.69 0.24 -28.55
C TYR A 173 -12.86 1.03 -27.25
N CYS A 174 -12.96 0.33 -26.12
CA CYS A 174 -13.18 1.00 -24.85
C CYS A 174 -11.95 1.81 -24.45
N ILE A 175 -10.76 1.22 -24.63
CA ILE A 175 -9.52 1.84 -24.24
C ILE A 175 -9.42 3.18 -24.95
N ALA A 176 -9.66 3.18 -26.28
CA ALA A 176 -9.50 4.39 -27.09
C ALA A 176 -10.63 5.39 -26.82
N PHE A 177 -11.88 4.98 -27.07
CA PHE A 177 -12.98 5.92 -27.10
C PHE A 177 -13.50 6.28 -25.72
N LEU A 178 -13.57 5.34 -24.76
CA LEU A 178 -14.01 5.66 -23.41
C LEU A 178 -12.89 6.33 -22.62
N GLY A 179 -11.65 5.92 -22.90
CA GLY A 179 -10.50 6.47 -22.20
C GLY A 179 -10.04 7.81 -22.75
N TYR A 180 -10.24 8.05 -24.06
CA TYR A 180 -9.58 9.16 -24.71
C TYR A 180 -10.52 10.05 -25.51
N PHE A 181 -11.78 9.62 -25.74
CA PHE A 181 -12.76 10.46 -26.43
C PHE A 181 -13.84 10.93 -25.46
N HIS A 182 -14.58 9.98 -24.90
CA HIS A 182 -15.64 10.30 -23.94
C HIS A 182 -15.03 10.70 -22.60
N GLY A 183 -13.86 10.16 -22.27
CA GLY A 183 -13.19 10.45 -21.00
C GLY A 183 -13.90 9.88 -19.76
N ILE A 184 -14.81 8.90 -19.92
CA ILE A 184 -15.48 8.34 -18.76
C ILE A 184 -14.66 7.21 -18.11
N HIS A 185 -13.63 6.72 -18.82
CA HIS A 185 -12.68 5.77 -18.27
C HIS A 185 -11.31 6.43 -18.16
N ALA A 186 -10.44 5.89 -17.31
CA ALA A 186 -9.05 6.32 -17.30
C ALA A 186 -8.47 6.25 -18.72
N PRO A 187 -7.63 7.22 -19.16
CA PRO A 187 -7.17 8.33 -18.33
C PRO A 187 -8.03 9.60 -18.27
N GLY A 188 -9.25 9.57 -18.81
CA GLY A 188 -10.17 10.69 -18.74
C GLY A 188 -9.94 11.75 -19.81
N ILE A 189 -9.30 11.39 -20.93
CA ILE A 189 -9.03 12.37 -21.98
C ILE A 189 -10.23 12.44 -22.91
N LYS A 190 -10.42 13.62 -23.52
CA LYS A 190 -11.59 13.89 -24.34
C LYS A 190 -11.18 14.54 -25.66
N ASP A 191 -10.68 13.74 -26.60
CA ASP A 191 -10.16 14.27 -27.85
C ASP A 191 -10.23 13.18 -28.91
N PHE A 192 -11.15 13.31 -29.86
CA PHE A 192 -11.39 12.25 -30.83
C PHE A 192 -10.11 11.88 -31.59
N LYS A 193 -9.32 12.87 -32.01
CA LYS A 193 -8.17 12.58 -32.85
C LYS A 193 -7.12 11.80 -32.06
N VAL A 194 -6.99 12.10 -30.76
CA VAL A 194 -6.10 11.37 -29.88
C VAL A 194 -6.65 9.94 -29.73
N ALA A 195 -7.97 9.81 -29.55
CA ALA A 195 -8.56 8.47 -29.47
C ALA A 195 -8.21 7.65 -30.73
N MET A 196 -8.16 8.28 -31.91
CA MET A 196 -7.84 7.56 -33.13
C MET A 196 -6.34 7.20 -33.20
N ASP A 197 -5.47 8.05 -32.66
CA ASP A 197 -4.07 7.68 -32.55
C ASP A 197 -3.91 6.43 -31.68
N VAL A 198 -4.71 6.37 -30.61
CA VAL A 198 -4.66 5.26 -29.68
C VAL A 198 -5.12 3.97 -30.38
N VAL A 199 -6.22 4.06 -31.13
CA VAL A 199 -6.71 2.92 -31.90
C VAL A 199 -5.52 2.32 -32.64
N HIS A 200 -4.75 3.16 -33.32
CA HIS A 200 -3.70 2.68 -34.22
C HIS A 200 -2.53 2.11 -33.43
N SER A 201 -2.18 2.75 -32.30
CA SER A 201 -1.15 2.27 -31.40
C SER A 201 -1.46 0.87 -30.85
N LEU A 202 -2.73 0.65 -30.50
CA LEU A 202 -3.14 -0.64 -29.98
C LEU A 202 -3.00 -1.70 -31.08
N MET A 203 -3.39 -1.38 -32.31
CA MET A 203 -3.29 -2.37 -33.38
C MET A 203 -1.82 -2.75 -33.60
N LEU A 204 -0.93 -1.76 -33.61
CA LEU A 204 0.46 -2.03 -33.91
C LEU A 204 1.08 -2.82 -32.77
N SER A 205 0.68 -2.50 -31.53
CA SER A 205 1.09 -3.25 -30.36
C SER A 205 0.71 -4.71 -30.50
N HIS A 206 -0.55 -4.93 -30.89
CA HIS A 206 -1.07 -6.28 -31.02
C HIS A 206 -0.23 -7.06 -32.02
N PHE A 207 -0.06 -6.49 -33.22
CA PHE A 207 0.65 -7.15 -34.31
C PHE A 207 2.09 -7.45 -33.93
N LYS A 208 2.73 -6.55 -33.18
CA LYS A 208 4.12 -6.73 -32.78
C LYS A 208 4.26 -8.00 -31.93
N VAL A 209 3.28 -8.26 -31.04
CA VAL A 209 3.38 -9.40 -30.14
C VAL A 209 3.11 -10.68 -30.91
N VAL A 210 2.10 -10.64 -31.80
CA VAL A 210 1.75 -11.79 -32.62
C VAL A 210 2.94 -12.15 -33.50
N LYS A 211 3.58 -11.13 -34.09
CA LYS A 211 4.70 -11.38 -34.99
C LYS A 211 5.88 -12.02 -34.24
N ALA A 212 6.16 -11.55 -33.02
CA ALA A 212 7.32 -12.02 -32.27
C ALA A 212 7.13 -13.46 -31.81
N VAL A 213 5.91 -13.81 -31.39
CA VAL A 213 5.59 -15.17 -30.99
C VAL A 213 5.81 -16.10 -32.17
N LYS A 214 5.31 -15.72 -33.35
CA LYS A 214 5.42 -16.56 -34.55
C LYS A 214 6.87 -16.66 -35.01
N GLU A 215 7.55 -15.52 -35.18
CA GLU A 215 8.91 -15.49 -35.68
C GLU A 215 9.87 -16.27 -34.79
N ASN A 216 9.65 -16.23 -33.47
CA ASN A 216 10.50 -16.95 -32.53
C ASN A 216 9.97 -18.35 -32.21
N ASN A 217 8.91 -18.78 -32.89
CA ASN A 217 8.42 -20.14 -32.77
C ASN A 217 8.12 -20.45 -31.31
N ILE A 218 7.47 -19.51 -30.63
CA ILE A 218 7.06 -19.73 -29.26
C ILE A 218 5.74 -20.49 -29.30
N ASP A 219 5.63 -21.56 -28.52
CA ASP A 219 4.48 -22.46 -28.59
C ASP A 219 3.32 -21.93 -27.73
N VAL A 220 2.82 -20.76 -28.08
CA VAL A 220 1.60 -20.25 -27.47
C VAL A 220 0.74 -19.67 -28.58
N GLU A 221 -0.54 -19.51 -28.24
CA GLU A 221 -1.52 -18.88 -29.10
C GLU A 221 -1.75 -17.45 -28.62
N VAL A 222 -1.80 -16.52 -29.57
CA VAL A 222 -2.02 -15.10 -29.28
C VAL A 222 -3.27 -14.66 -30.03
N GLY A 223 -4.13 -13.95 -29.30
CA GLY A 223 -5.32 -13.36 -29.88
C GLY A 223 -5.59 -12.00 -29.28
N ILE A 224 -6.81 -11.50 -29.49
CA ILE A 224 -7.26 -10.23 -28.97
C ILE A 224 -8.75 -10.37 -28.67
N THR A 225 -9.24 -9.55 -27.72
CA THR A 225 -10.64 -9.56 -27.35
C THR A 225 -11.26 -8.25 -27.81
N LEU A 226 -12.38 -8.37 -28.55
CA LEU A 226 -13.11 -7.22 -29.03
C LEU A 226 -14.53 -7.25 -28.47
N ASN A 227 -15.04 -6.09 -28.09
CA ASN A 227 -16.46 -6.02 -27.81
C ASN A 227 -17.17 -5.77 -29.14
N LEU A 228 -18.17 -6.60 -29.39
CA LEU A 228 -18.97 -6.49 -30.58
C LEU A 228 -20.42 -6.37 -30.14
N THR A 229 -21.09 -5.41 -30.79
CA THR A 229 -22.48 -5.09 -30.54
C THR A 229 -23.18 -5.12 -31.89
N PRO A 230 -23.90 -6.20 -32.20
CA PRO A 230 -24.64 -6.29 -33.45
C PRO A 230 -25.68 -5.17 -33.49
N VAL A 231 -25.76 -4.50 -34.66
CA VAL A 231 -26.61 -3.35 -34.84
C VAL A 231 -27.81 -3.74 -35.70
N TYR A 232 -29.01 -3.36 -35.25
CA TYR A 232 -30.26 -3.62 -35.94
C TYR A 232 -30.95 -2.29 -36.22
N LEU A 233 -31.80 -2.29 -37.26
CA LEU A 233 -32.51 -1.09 -37.70
C LEU A 233 -33.94 -1.07 -37.14
N GLN A 234 -34.27 0.02 -36.45
CA GLN A 234 -35.63 0.21 -35.96
C GLN A 234 -36.60 0.22 -37.14
N THR A 235 -36.17 0.80 -38.27
CA THR A 235 -37.02 0.87 -39.45
C THR A 235 -37.46 -0.52 -39.90
N GLU A 236 -36.59 -1.52 -39.77
CA GLU A 236 -36.95 -2.87 -40.17
C GLU A 236 -37.84 -3.52 -39.11
N ARG A 237 -37.60 -3.22 -37.82
CA ARG A 237 -38.47 -3.66 -36.75
C ARG A 237 -39.91 -3.16 -36.98
N LEU A 238 -40.07 -1.96 -37.55
CA LEU A 238 -41.39 -1.38 -37.79
C LEU A 238 -42.02 -1.87 -39.10
N GLY A 239 -41.27 -2.64 -39.89
CA GLY A 239 -41.76 -3.15 -41.17
C GLY A 239 -41.83 -2.07 -42.26
N TYR A 240 -41.08 -0.99 -42.11
CA TYR A 240 -41.04 0.09 -43.09
C TYR A 240 -39.90 -0.16 -44.08
N LYS A 241 -39.94 0.60 -45.17
CA LYS A 241 -38.91 0.60 -46.19
C LYS A 241 -37.73 1.42 -45.66
N VAL A 242 -36.52 0.92 -45.87
CA VAL A 242 -35.31 1.60 -45.42
C VAL A 242 -34.73 2.48 -46.55
N SER A 243 -34.55 3.77 -46.27
CA SER A 243 -33.88 4.69 -47.16
C SER A 243 -32.38 4.38 -47.24
N GLU A 244 -31.74 4.81 -48.34
CA GLU A 244 -30.32 4.58 -48.57
C GLU A 244 -29.50 5.31 -47.51
N ILE A 245 -29.89 6.57 -47.21
CA ILE A 245 -29.12 7.37 -46.28
C ILE A 245 -29.18 6.74 -44.89
N GLU A 246 -30.33 6.16 -44.48
CA GLU A 246 -30.42 5.54 -43.17
C GLU A 246 -29.56 4.28 -43.14
N ARG A 247 -29.66 3.47 -44.21
CA ARG A 247 -28.86 2.24 -44.30
C ARG A 247 -27.38 2.58 -44.19
N GLU A 248 -26.95 3.65 -44.86
CA GLU A 248 -25.55 4.02 -44.89
C GLU A 248 -25.09 4.53 -43.52
N MET A 249 -25.89 5.40 -42.89
CA MET A 249 -25.47 6.07 -41.68
C MET A 249 -25.47 5.09 -40.50
N VAL A 250 -26.43 4.17 -40.47
CA VAL A 250 -26.48 3.19 -39.41
C VAL A 250 -25.30 2.22 -39.57
N SER A 251 -25.02 1.83 -40.83
CA SER A 251 -23.90 0.94 -41.15
C SER A 251 -22.57 1.54 -40.71
N LEU A 252 -22.34 2.83 -40.99
CA LEU A 252 -21.14 3.50 -40.55
C LEU A 252 -21.02 3.48 -39.01
N SER A 253 -22.14 3.69 -38.30
CA SER A 253 -22.14 3.65 -36.85
C SER A 253 -21.80 2.24 -36.36
N SER A 254 -22.27 1.23 -37.11
CA SER A 254 -21.96 -0.16 -36.80
C SER A 254 -20.48 -0.47 -37.04
N GLN A 255 -19.93 0.08 -38.12
CA GLN A 255 -18.51 -0.11 -38.45
C GLN A 255 -17.60 0.43 -37.34
N LEU A 256 -17.95 1.56 -36.72
CA LEU A 256 -17.13 2.13 -35.66
C LEU A 256 -17.09 1.19 -34.46
N ASP A 257 -18.24 0.57 -34.16
CA ASP A 257 -18.38 -0.35 -33.05
C ASP A 257 -17.71 -1.69 -33.32
N ASN A 258 -17.78 -2.19 -34.56
CA ASN A 258 -17.59 -3.62 -34.79
C ASN A 258 -16.47 -3.93 -35.79
N GLN A 259 -16.18 -3.03 -36.73
CA GLN A 259 -15.25 -3.35 -37.80
C GLN A 259 -13.94 -2.58 -37.68
N LEU A 260 -13.91 -1.54 -36.85
CA LEU A 260 -12.72 -0.72 -36.73
C LEU A 260 -11.53 -1.55 -36.29
N PHE A 261 -11.76 -2.55 -35.43
CA PHE A 261 -10.70 -3.42 -34.92
C PHE A 261 -10.74 -4.79 -35.57
N LEU A 262 -11.93 -5.32 -35.83
CA LEU A 262 -12.09 -6.62 -36.46
C LEU A 262 -11.41 -6.66 -37.83
N ASP A 263 -11.56 -5.59 -38.62
CA ASP A 263 -11.02 -5.57 -39.98
C ASP A 263 -9.49 -5.59 -39.93
N PRO A 264 -8.82 -4.71 -39.15
CA PRO A 264 -7.36 -4.78 -39.05
C PRO A 264 -6.85 -6.12 -38.52
N VAL A 265 -7.54 -6.67 -37.52
CA VAL A 265 -7.09 -7.85 -36.79
C VAL A 265 -7.15 -9.08 -37.70
N LEU A 266 -8.22 -9.19 -38.52
CA LEU A 266 -8.46 -10.38 -39.32
C LEU A 266 -8.16 -10.16 -40.80
N LYS A 267 -8.19 -8.93 -41.30
CA LYS A 267 -8.00 -8.74 -42.74
C LYS A 267 -6.88 -7.76 -43.06
N GLY A 268 -6.29 -7.10 -42.07
CA GLY A 268 -5.13 -6.27 -42.34
C GLY A 268 -5.49 -4.93 -42.97
N SER A 269 -6.71 -4.44 -42.69
CA SER A 269 -7.05 -3.08 -43.09
C SER A 269 -8.15 -2.55 -42.19
N TYR A 270 -8.19 -1.22 -42.03
CA TYR A 270 -9.32 -0.55 -41.41
C TYR A 270 -10.50 -0.50 -42.37
N PRO A 271 -11.76 -0.38 -41.85
CA PRO A 271 -12.93 -0.16 -42.72
C PRO A 271 -12.85 1.19 -43.43
N GLN A 272 -12.69 1.15 -44.77
CA GLN A 272 -12.28 2.32 -45.54
C GLN A 272 -13.39 3.35 -45.60
N LYS A 273 -14.65 2.90 -45.68
CA LYS A 273 -15.79 3.80 -45.72
C LYS A 273 -15.90 4.60 -44.42
N LEU A 274 -15.67 3.95 -43.28
CA LEU A 274 -15.65 4.65 -42.00
C LEU A 274 -14.54 5.70 -41.96
N LEU A 275 -13.31 5.33 -42.36
CA LEU A 275 -12.20 6.28 -42.31
C LEU A 275 -12.50 7.48 -43.21
N ASP A 276 -13.06 7.22 -44.41
CA ASP A 276 -13.38 8.26 -45.37
C ASP A 276 -14.39 9.23 -44.75
N TYR A 277 -15.46 8.68 -44.18
CA TYR A 277 -16.47 9.46 -43.48
C TYR A 277 -15.83 10.35 -42.41
N LEU A 278 -14.95 9.79 -41.58
CA LEU A 278 -14.34 10.53 -40.49
C LEU A 278 -13.47 11.67 -41.05
N VAL A 279 -12.81 11.43 -42.19
CA VAL A 279 -12.07 12.49 -42.87
C VAL A 279 -13.04 13.53 -43.41
N GLN A 280 -14.13 13.10 -44.06
CA GLN A 280 -15.07 14.03 -44.67
C GLN A 280 -15.71 14.94 -43.63
N LYS A 281 -15.84 14.46 -42.39
CA LYS A 281 -16.46 15.24 -41.32
C LYS A 281 -15.41 15.96 -40.47
N ASP A 282 -14.14 15.94 -40.94
CA ASP A 282 -13.02 16.59 -40.28
C ASP A 282 -12.83 16.09 -38.84
N LEU A 283 -13.08 14.80 -38.60
CA LEU A 283 -12.83 14.19 -37.30
C LEU A 283 -11.47 13.51 -37.30
N LEU A 284 -10.90 13.29 -38.50
CA LEU A 284 -9.64 12.59 -38.67
C LEU A 284 -8.92 13.25 -39.84
N ASP A 285 -7.62 13.48 -39.67
CA ASP A 285 -6.81 14.09 -40.71
C ASP A 285 -6.69 13.09 -41.85
N SER A 286 -6.82 13.57 -43.08
CA SER A 286 -6.57 12.79 -44.28
C SER A 286 -5.21 12.08 -44.21
N GLN A 287 -4.17 12.81 -43.79
CA GLN A 287 -2.83 12.26 -43.78
C GLN A 287 -2.76 11.07 -42.82
N LYS A 288 -3.47 11.16 -41.69
CA LYS A 288 -3.48 10.10 -40.70
C LYS A 288 -4.26 8.88 -41.20
N ALA A 289 -5.43 9.12 -41.83
CA ALA A 289 -6.22 8.03 -42.40
C ALA A 289 -5.37 7.19 -43.35
N LEU A 290 -4.58 7.87 -44.19
CA LEU A 290 -3.76 7.23 -45.20
C LEU A 290 -2.62 6.47 -44.55
N SER A 291 -1.89 7.10 -43.61
CA SER A 291 -0.76 6.45 -42.96
C SER A 291 -1.23 5.28 -42.07
N MET A 292 -2.38 5.44 -41.42
CA MET A 292 -2.99 4.37 -40.62
C MET A 292 -3.15 3.12 -41.48
N GLN A 293 -3.71 3.32 -42.68
CA GLN A 293 -4.06 2.22 -43.56
C GLN A 293 -2.77 1.53 -44.01
N GLN A 294 -1.78 2.33 -44.41
CA GLN A 294 -0.51 1.85 -44.91
C GLN A 294 0.19 1.01 -43.85
N GLU A 295 0.18 1.50 -42.60
CA GLU A 295 0.86 0.85 -41.50
C GLU A 295 0.19 -0.44 -41.04
N VAL A 296 -1.16 -0.52 -41.04
CA VAL A 296 -1.80 -1.78 -40.68
C VAL A 296 -1.47 -2.83 -41.76
N LYS A 297 -1.54 -2.46 -43.04
CA LYS A 297 -1.19 -3.38 -44.12
C LYS A 297 0.24 -3.87 -43.95
N GLU A 298 1.18 -2.96 -43.70
CA GLU A 298 2.58 -3.36 -43.54
C GLU A 298 2.78 -4.31 -42.35
N ASN A 299 2.00 -4.14 -41.28
CA ASN A 299 2.29 -4.84 -40.04
C ASN A 299 1.35 -6.02 -39.79
N PHE A 300 0.33 -6.18 -40.61
CA PHE A 300 -0.70 -7.17 -40.38
C PHE A 300 -0.10 -8.56 -40.29
N ILE A 301 -0.60 -9.31 -39.30
CA ILE A 301 -0.39 -10.74 -39.21
C ILE A 301 -1.62 -11.33 -38.53
N PHE A 302 -2.07 -12.46 -39.10
CA PHE A 302 -3.28 -13.11 -38.64
C PHE A 302 -3.05 -13.69 -37.26
N PRO A 303 -4.01 -13.57 -36.32
CA PRO A 303 -3.84 -14.10 -34.97
C PRO A 303 -4.27 -15.56 -34.89
N ASP A 304 -4.08 -16.15 -33.72
CA ASP A 304 -4.39 -17.57 -33.48
C ASP A 304 -5.86 -17.74 -33.09
N PHE A 305 -6.47 -16.75 -32.45
CA PHE A 305 -7.89 -16.83 -32.12
C PHE A 305 -8.46 -15.42 -31.97
N LEU A 306 -9.80 -15.34 -32.05
CA LEU A 306 -10.55 -14.12 -31.77
C LEU A 306 -11.33 -14.31 -30.48
N GLY A 307 -11.15 -13.36 -29.56
CA GLY A 307 -11.97 -13.30 -28.37
C GLY A 307 -13.06 -12.24 -28.55
N ILE A 308 -14.27 -12.59 -28.13
CA ILE A 308 -15.44 -11.73 -28.30
C ILE A 308 -16.07 -11.50 -26.93
N ASN A 309 -16.25 -10.23 -26.58
CA ASN A 309 -17.08 -9.85 -25.45
C ASN A 309 -18.44 -9.41 -25.98
N TYR A 310 -19.48 -10.14 -25.57
CA TYR A 310 -20.84 -9.91 -26.04
C TYR A 310 -21.78 -9.77 -24.84
N TYR A 311 -22.61 -8.72 -24.87
CA TYR A 311 -23.60 -8.47 -23.83
C TYR A 311 -24.98 -8.18 -24.41
N THR A 312 -25.05 -7.37 -25.46
CA THR A 312 -26.33 -6.87 -25.95
C THR A 312 -26.15 -6.39 -27.37
N ARG A 313 -27.28 -5.99 -27.96
CA ARG A 313 -27.30 -5.35 -29.27
C ARG A 313 -27.60 -3.87 -29.11
N ALA A 314 -27.57 -3.16 -30.25
CA ALA A 314 -28.07 -1.81 -30.40
C ALA A 314 -29.14 -1.81 -31.49
N VAL A 315 -30.20 -1.03 -31.27
CA VAL A 315 -31.18 -0.76 -32.31
C VAL A 315 -31.09 0.73 -32.61
N ARG A 316 -30.90 1.07 -33.88
CA ARG A 316 -30.60 2.44 -34.25
C ARG A 316 -31.50 2.90 -35.41
N LEU A 317 -31.65 4.23 -35.52
CA LEU A 317 -32.35 4.83 -36.64
C LEU A 317 -31.77 6.21 -36.95
N TYR A 318 -32.02 6.69 -38.17
CA TYR A 318 -31.54 7.98 -38.62
C TYR A 318 -32.13 9.11 -37.77
N ASP A 319 -31.31 10.13 -37.54
CA ASP A 319 -31.68 11.32 -36.79
C ASP A 319 -30.76 12.47 -37.22
N GLU A 320 -31.24 13.30 -38.16
CA GLU A 320 -30.50 14.46 -38.65
C GLU A 320 -30.07 15.36 -37.48
N ASN A 321 -30.93 15.44 -36.46
CA ASN A 321 -30.77 16.38 -35.35
C ASN A 321 -29.72 15.89 -34.36
N SER A 322 -29.16 14.68 -34.55
CA SER A 322 -28.32 14.05 -33.54
C SER A 322 -27.03 14.85 -33.32
N SER A 323 -26.54 14.83 -32.08
CA SER A 323 -25.30 15.50 -31.69
C SER A 323 -24.11 14.53 -31.72
N TRP A 324 -24.39 13.25 -31.98
CA TRP A 324 -23.39 12.19 -32.11
C TRP A 324 -22.59 12.40 -33.41
N ILE A 325 -21.47 11.68 -33.57
CA ILE A 325 -20.63 11.81 -34.76
C ILE A 325 -21.34 11.28 -36.01
N PHE A 326 -22.39 10.47 -35.83
CA PHE A 326 -23.27 10.06 -36.92
C PHE A 326 -24.69 10.56 -36.67
N PRO A 327 -25.48 10.84 -37.72
CA PRO A 327 -26.87 11.27 -37.56
C PRO A 327 -27.80 10.10 -37.23
N ILE A 328 -27.64 9.54 -36.03
CA ILE A 328 -28.41 8.37 -35.64
C ILE A 328 -28.86 8.56 -34.19
N ARG A 329 -29.93 7.87 -33.82
CA ARG A 329 -30.35 7.77 -32.43
C ARG A 329 -30.58 6.30 -32.10
N TRP A 330 -30.62 5.99 -30.80
CA TRP A 330 -30.89 4.63 -30.35
C TRP A 330 -32.40 4.48 -30.10
N GLU A 331 -32.88 3.25 -30.22
CA GLU A 331 -34.21 2.89 -29.76
C GLU A 331 -34.06 1.75 -28.77
N HIS A 332 -34.98 1.69 -27.80
CA HIS A 332 -34.97 0.61 -26.81
C HIS A 332 -36.18 -0.27 -27.06
N PRO A 333 -35.99 -1.43 -27.72
CA PRO A 333 -37.08 -2.37 -27.92
C PRO A 333 -37.61 -2.91 -26.59
N ALA A 334 -38.90 -3.21 -26.56
CA ALA A 334 -39.50 -3.83 -25.40
C ALA A 334 -38.78 -5.14 -25.11
N GLY A 335 -38.69 -5.46 -23.82
CA GLY A 335 -38.16 -6.73 -23.37
C GLY A 335 -37.49 -6.59 -22.01
N GLU A 336 -36.67 -7.59 -21.69
CA GLU A 336 -35.93 -7.66 -20.45
C GLU A 336 -34.63 -6.86 -20.59
N TYR A 337 -34.33 -6.08 -19.56
CA TYR A 337 -33.10 -5.29 -19.47
C TYR A 337 -32.44 -5.56 -18.13
N THR A 338 -31.11 -5.45 -18.11
CA THR A 338 -30.30 -5.65 -16.91
C THR A 338 -30.15 -4.32 -16.16
N GLU A 339 -29.46 -4.36 -15.02
CA GLU A 339 -29.12 -3.16 -14.25
C GLU A 339 -28.20 -2.21 -15.01
N MET A 340 -27.59 -2.67 -16.11
CA MET A 340 -26.79 -1.81 -16.97
C MET A 340 -27.69 -1.06 -17.95
N GLY A 341 -28.99 -1.37 -17.97
CA GLY A 341 -29.86 -0.87 -19.03
C GLY A 341 -29.53 -1.51 -20.39
N TRP A 342 -29.03 -2.75 -20.37
CA TRP A 342 -28.74 -3.50 -21.59
C TRP A 342 -29.85 -4.51 -21.86
N GLU A 343 -30.36 -4.51 -23.09
CA GLU A 343 -31.37 -5.46 -23.54
C GLU A 343 -30.79 -6.87 -23.49
N VAL A 344 -31.57 -7.80 -22.91
CA VAL A 344 -31.30 -9.23 -22.98
C VAL A 344 -31.73 -9.73 -24.35
N PHE A 345 -30.75 -10.12 -25.16
CA PHE A 345 -30.98 -10.41 -26.58
C PHE A 345 -30.05 -11.53 -27.03
N PRO A 346 -30.26 -12.79 -26.59
CA PRO A 346 -29.38 -13.90 -26.96
C PRO A 346 -29.24 -14.09 -28.48
N GLN A 347 -30.27 -13.75 -29.25
CA GLN A 347 -30.25 -13.92 -30.69
C GLN A 347 -29.08 -13.12 -31.29
N GLY A 348 -28.74 -12.00 -30.65
CA GLY A 348 -27.64 -11.17 -31.08
C GLY A 348 -26.31 -11.92 -31.02
N LEU A 349 -26.16 -12.83 -30.05
CA LEU A 349 -24.93 -13.60 -29.96
C LEU A 349 -24.85 -14.55 -31.14
N PHE A 350 -25.97 -15.20 -31.46
CA PHE A 350 -26.02 -16.16 -32.55
C PHE A 350 -25.73 -15.43 -33.86
N ASP A 351 -26.42 -14.31 -34.09
CA ASP A 351 -26.30 -13.55 -35.32
C ASP A 351 -24.87 -13.07 -35.51
N LEU A 352 -24.26 -12.61 -34.41
CA LEU A 352 -22.91 -12.10 -34.45
C LEU A 352 -21.93 -13.21 -34.88
N LEU A 353 -22.06 -14.38 -34.26
CA LEU A 353 -21.14 -15.48 -34.53
C LEU A 353 -21.27 -15.95 -35.98
N ILE A 354 -22.51 -16.03 -36.49
CA ILE A 354 -22.74 -16.43 -37.86
C ILE A 354 -22.09 -15.40 -38.78
N TRP A 355 -22.25 -14.12 -38.44
CA TRP A 355 -21.71 -13.03 -39.23
C TRP A 355 -20.18 -13.11 -39.32
N ILE A 356 -19.51 -13.47 -38.22
CA ILE A 356 -18.06 -13.59 -38.25
C ILE A 356 -17.65 -14.80 -39.11
N LYS A 357 -18.35 -15.92 -38.95
CA LYS A 357 -18.09 -17.09 -39.75
C LYS A 357 -18.18 -16.75 -41.24
N GLU A 358 -19.23 -16.01 -41.62
CA GLU A 358 -19.52 -15.78 -43.03
C GLU A 358 -18.67 -14.65 -43.60
N SER A 359 -18.17 -13.74 -42.76
CA SER A 359 -17.62 -12.49 -43.28
C SER A 359 -16.10 -12.44 -43.18
N TYR A 360 -15.48 -13.31 -42.37
CA TYR A 360 -14.05 -13.20 -42.11
C TYR A 360 -13.41 -14.57 -42.33
N PRO A 361 -12.10 -14.62 -42.62
CA PRO A 361 -11.41 -15.91 -42.71
C PRO A 361 -11.65 -16.74 -41.45
N GLN A 362 -11.66 -18.06 -41.61
CA GLN A 362 -11.90 -18.93 -40.46
C GLN A 362 -10.83 -18.72 -39.40
N ILE A 363 -11.30 -18.70 -38.14
CA ILE A 363 -10.46 -18.54 -36.98
C ILE A 363 -11.20 -19.09 -35.78
N PRO A 364 -10.51 -19.80 -34.85
CA PRO A 364 -11.11 -20.19 -33.59
C PRO A 364 -11.62 -18.97 -32.84
N ILE A 365 -12.83 -19.09 -32.30
CA ILE A 365 -13.46 -18.00 -31.60
C ILE A 365 -13.69 -18.41 -30.15
N TYR A 366 -13.36 -17.51 -29.23
CA TYR A 366 -13.73 -17.68 -27.84
C TYR A 366 -14.63 -16.53 -27.44
N ILE A 367 -15.73 -16.84 -26.74
CA ILE A 367 -16.48 -15.80 -26.06
C ILE A 367 -15.75 -15.52 -24.75
N THR A 368 -15.00 -14.42 -24.71
CA THR A 368 -14.13 -14.12 -23.58
C THR A 368 -14.87 -13.41 -22.45
N GLU A 369 -16.08 -12.90 -22.72
CA GLU A 369 -16.97 -12.34 -21.71
C GLU A 369 -18.41 -12.40 -22.21
N ASN A 370 -19.28 -12.87 -21.33
CA ASN A 370 -20.71 -12.74 -21.47
C ASN A 370 -21.30 -12.92 -20.07
N GLY A 371 -22.28 -12.09 -19.71
CA GLY A 371 -22.89 -12.16 -18.40
C GLY A 371 -23.88 -11.01 -18.20
N ALA A 372 -24.35 -10.84 -16.96
CA ALA A 372 -25.40 -9.87 -16.70
C ALA A 372 -25.33 -9.37 -15.27
N ALA A 373 -25.77 -8.13 -15.11
CA ALA A 373 -25.81 -7.43 -13.84
C ALA A 373 -27.25 -7.39 -13.34
N TYR A 374 -27.51 -8.03 -12.19
CA TYR A 374 -28.76 -7.92 -11.46
C TYR A 374 -28.46 -7.48 -10.03
N ASN A 375 -29.45 -6.84 -9.42
CA ASN A 375 -29.32 -6.26 -8.09
C ASN A 375 -29.49 -7.35 -7.05
N ASP A 376 -28.48 -8.20 -6.89
CA ASP A 376 -28.58 -9.39 -6.07
C ASP A 376 -28.81 -9.03 -4.61
N ILE A 377 -29.65 -9.85 -3.96
CA ILE A 377 -29.95 -9.78 -2.54
C ILE A 377 -29.59 -11.12 -1.90
N VAL A 378 -28.93 -11.05 -0.75
CA VAL A 378 -28.60 -12.24 0.02
C VAL A 378 -29.77 -12.51 0.95
N THR A 379 -30.36 -13.71 0.86
CA THR A 379 -31.51 -14.06 1.68
C THR A 379 -31.06 -14.41 3.08
N GLU A 380 -32.06 -14.57 3.97
CA GLU A 380 -31.83 -14.84 5.37
C GLU A 380 -31.08 -16.16 5.56
N ASP A 381 -31.29 -17.13 4.66
CA ASP A 381 -30.55 -18.39 4.72
C ASP A 381 -29.22 -18.30 3.96
N GLY A 382 -28.79 -17.09 3.58
CA GLY A 382 -27.45 -16.87 3.04
C GLY A 382 -27.31 -17.30 1.57
N LYS A 383 -28.42 -17.26 0.83
CA LYS A 383 -28.45 -17.68 -0.56
C LYS A 383 -28.71 -16.47 -1.44
N VAL A 384 -28.36 -16.60 -2.71
CA VAL A 384 -28.67 -15.58 -3.70
C VAL A 384 -29.43 -16.27 -4.83
N HIS A 385 -30.72 -15.93 -4.95
CA HIS A 385 -31.61 -16.62 -5.88
C HIS A 385 -31.68 -15.81 -7.16
N ASP A 386 -30.60 -15.86 -7.95
CA ASP A 386 -30.44 -14.98 -9.10
C ASP A 386 -31.00 -15.66 -10.34
N SER A 387 -32.32 -15.82 -10.37
CA SER A 387 -32.96 -16.62 -11.40
C SER A 387 -32.91 -15.93 -12.77
N LYS A 388 -32.91 -14.60 -12.79
CA LYS A 388 -32.79 -13.87 -14.05
C LYS A 388 -31.39 -14.04 -14.63
N ARG A 389 -30.36 -14.08 -13.77
CA ARG A 389 -29.00 -14.29 -14.24
C ARG A 389 -28.91 -15.69 -14.87
N ILE A 390 -29.56 -16.66 -14.23
CA ILE A 390 -29.55 -18.03 -14.73
C ILE A 390 -30.18 -18.05 -16.11
N GLU A 391 -31.30 -17.35 -16.28
CA GLU A 391 -32.02 -17.37 -17.54
C GLU A 391 -31.18 -16.65 -18.60
N TYR A 392 -30.54 -15.54 -18.23
CA TYR A 392 -29.65 -14.87 -19.17
C TYR A 392 -28.60 -15.87 -19.68
N LEU A 393 -27.95 -16.59 -18.76
CA LEU A 393 -26.82 -17.42 -19.12
C LEU A 393 -27.31 -18.62 -19.93
N LYS A 394 -28.38 -19.27 -19.47
CA LYS A 394 -28.92 -20.43 -20.16
C LYS A 394 -29.19 -20.06 -21.62
N GLN A 395 -29.85 -18.93 -21.83
CA GLN A 395 -30.24 -18.52 -23.17
C GLN A 395 -29.02 -18.23 -24.05
N HIS A 396 -27.97 -17.63 -23.48
CA HIS A 396 -26.80 -17.29 -24.28
C HIS A 396 -25.98 -18.55 -24.57
N PHE A 397 -25.88 -19.46 -23.59
CA PHE A 397 -25.23 -20.74 -23.82
C PHE A 397 -25.90 -21.47 -24.99
N GLU A 398 -27.23 -21.39 -25.08
CA GLU A 398 -27.97 -22.05 -26.15
C GLU A 398 -27.76 -21.33 -27.48
N ALA A 399 -27.65 -20.00 -27.45
CA ALA A 399 -27.27 -19.26 -28.66
C ALA A 399 -25.92 -19.74 -29.17
N ALA A 400 -25.00 -20.01 -28.24
CA ALA A 400 -23.67 -20.46 -28.59
C ALA A 400 -23.74 -21.87 -29.18
N ARG A 401 -24.51 -22.75 -28.54
CA ARG A 401 -24.67 -24.12 -29.03
C ARG A 401 -25.15 -24.10 -30.47
N LYS A 402 -26.16 -23.25 -30.72
CA LYS A 402 -26.79 -23.15 -32.02
C LYS A 402 -25.78 -22.67 -33.06
N ALA A 403 -24.91 -21.72 -32.69
CA ALA A 403 -23.86 -21.26 -33.57
C ALA A 403 -22.94 -22.42 -33.96
N ILE A 404 -22.60 -23.25 -32.97
CA ILE A 404 -21.77 -24.42 -33.20
C ILE A 404 -22.49 -25.37 -34.16
N GLU A 405 -23.79 -25.59 -33.93
CA GLU A 405 -24.61 -26.43 -34.78
C GLU A 405 -24.61 -25.90 -36.22
N ASN A 406 -24.35 -24.60 -36.42
CA ASN A 406 -24.27 -24.03 -37.75
C ASN A 406 -22.82 -23.86 -38.22
N GLY A 407 -21.89 -24.59 -37.61
CA GLY A 407 -20.52 -24.64 -38.11
C GLY A 407 -19.63 -23.46 -37.69
N VAL A 408 -20.04 -22.65 -36.71
CA VAL A 408 -19.15 -21.61 -36.20
C VAL A 408 -18.07 -22.31 -35.37
N ASP A 409 -16.80 -21.90 -35.54
CA ASP A 409 -15.69 -22.53 -34.84
C ASP A 409 -15.51 -21.94 -33.43
N LEU A 410 -16.48 -22.21 -32.55
CA LEU A 410 -16.45 -21.72 -31.17
C LEU A 410 -15.74 -22.75 -30.29
N ARG A 411 -14.70 -22.29 -29.57
CA ARG A 411 -13.83 -23.20 -28.82
C ARG A 411 -13.89 -22.92 -27.32
N GLY A 412 -14.71 -21.96 -26.89
CA GLY A 412 -14.78 -21.69 -25.47
C GLY A 412 -15.69 -20.52 -25.15
N TYR A 413 -15.95 -20.35 -23.85
CA TYR A 413 -16.96 -19.44 -23.36
C TYR A 413 -16.64 -19.12 -21.91
N PHE A 414 -16.36 -17.84 -21.66
CA PHE A 414 -15.97 -17.35 -20.35
C PHE A 414 -17.03 -16.40 -19.81
N VAL A 415 -17.70 -16.82 -18.72
CA VAL A 415 -18.72 -16.02 -18.07
C VAL A 415 -18.04 -14.83 -17.40
N TRP A 416 -18.58 -13.65 -17.67
CA TRP A 416 -18.27 -12.48 -16.88
C TRP A 416 -19.35 -12.36 -15.81
N SER A 417 -19.03 -12.53 -14.52
CA SER A 417 -17.69 -12.69 -13.99
C SER A 417 -17.69 -13.84 -12.99
N LEU A 418 -16.51 -14.37 -12.66
CA LEU A 418 -16.41 -15.34 -11.59
C LEU A 418 -17.06 -14.76 -10.34
N MET A 419 -16.78 -13.47 -10.06
CA MET A 419 -17.25 -12.86 -8.82
C MET A 419 -17.63 -11.41 -9.07
N ASP A 420 -18.52 -10.89 -8.22
CA ASP A 420 -18.88 -9.48 -8.22
C ASP A 420 -17.60 -8.67 -8.07
N ASN A 421 -17.51 -7.54 -8.77
CA ASN A 421 -16.26 -6.77 -8.75
C ASN A 421 -16.52 -5.29 -9.02
N PHE A 422 -15.42 -4.55 -9.15
CA PHE A 422 -15.45 -3.13 -9.41
C PHE A 422 -15.77 -2.86 -10.89
N GLU A 423 -16.99 -2.35 -11.15
CA GLU A 423 -17.45 -2.12 -12.51
C GLU A 423 -17.08 -0.71 -12.96
N TRP A 424 -15.76 -0.44 -12.99
CA TRP A 424 -15.21 0.75 -13.60
C TRP A 424 -15.93 1.99 -13.05
N ALA A 425 -16.47 2.86 -13.92
CA ALA A 425 -17.05 4.10 -13.46
C ALA A 425 -18.35 3.88 -12.67
N MET A 426 -18.92 2.68 -12.74
CA MET A 426 -20.13 2.38 -11.99
C MET A 426 -19.79 1.87 -10.59
N GLY A 427 -18.51 1.76 -10.26
CA GLY A 427 -18.09 1.26 -8.96
C GLY A 427 -18.63 -0.13 -8.66
N TYR A 428 -18.95 -0.36 -7.40
CA TYR A 428 -19.44 -1.66 -6.92
C TYR A 428 -20.95 -1.80 -7.11
N THR A 429 -21.58 -0.87 -7.84
CA THR A 429 -23.04 -0.80 -7.92
C THR A 429 -23.61 -1.84 -8.87
N LYS A 430 -22.74 -2.46 -9.68
CA LYS A 430 -23.17 -3.45 -10.65
C LYS A 430 -22.50 -4.78 -10.33
N ARG A 431 -23.34 -5.79 -10.09
CA ARG A 431 -22.87 -7.10 -9.70
C ARG A 431 -23.06 -8.05 -10.87
N PHE A 432 -21.93 -8.56 -11.39
CA PHE A 432 -21.94 -9.48 -12.51
C PHE A 432 -21.53 -10.89 -12.10
N GLY A 433 -21.25 -11.12 -10.82
CA GLY A 433 -20.64 -12.38 -10.44
C GLY A 433 -21.65 -13.54 -10.53
N ILE A 434 -21.13 -14.75 -10.68
CA ILE A 434 -21.84 -15.95 -10.27
C ILE A 434 -21.51 -16.24 -8.82
N ILE A 435 -20.50 -15.54 -8.28
CA ILE A 435 -20.23 -15.55 -6.86
C ILE A 435 -20.45 -14.13 -6.33
N TYR A 436 -21.24 -14.04 -5.27
CA TYR A 436 -21.53 -12.77 -4.65
C TYR A 436 -20.39 -12.46 -3.69
N VAL A 437 -19.97 -11.20 -3.68
CA VAL A 437 -18.94 -10.74 -2.76
C VAL A 437 -19.57 -9.71 -1.82
N ASP A 438 -19.56 -10.04 -0.52
CA ASP A 438 -19.91 -9.09 0.52
C ASP A 438 -18.65 -8.25 0.77
N TYR A 439 -18.69 -6.95 0.44
CA TYR A 439 -17.49 -6.12 0.42
C TYR A 439 -17.06 -5.73 1.84
N GLU A 440 -17.98 -5.85 2.82
CA GLU A 440 -17.66 -5.58 4.21
C GLU A 440 -16.82 -6.71 4.80
N THR A 441 -17.18 -7.95 4.50
CA THR A 441 -16.51 -9.11 5.08
C THR A 441 -15.58 -9.81 4.10
N GLN A 442 -15.69 -9.51 2.79
CA GLN A 442 -15.01 -10.23 1.70
C GLN A 442 -15.44 -11.68 1.61
N LYS A 443 -16.59 -12.00 2.21
CA LYS A 443 -17.10 -13.36 2.10
C LYS A 443 -17.54 -13.61 0.66
N ARG A 444 -17.20 -14.78 0.12
CA ARG A 444 -17.73 -15.21 -1.15
C ARG A 444 -18.97 -16.06 -0.89
N ILE A 445 -20.09 -15.72 -1.52
CA ILE A 445 -21.31 -16.52 -1.46
C ILE A 445 -21.65 -17.00 -2.87
N LYS A 446 -21.79 -18.32 -3.05
CA LYS A 446 -22.15 -18.88 -4.34
C LYS A 446 -23.61 -18.55 -4.63
N LYS A 447 -23.85 -17.88 -5.75
CA LYS A 447 -25.21 -17.60 -6.17
C LYS A 447 -25.79 -18.86 -6.81
N ASP A 448 -27.12 -18.90 -6.94
CA ASP A 448 -27.75 -20.02 -7.61
C ASP A 448 -27.14 -20.21 -9.00
N SER A 449 -26.74 -19.11 -9.65
CA SER A 449 -26.08 -19.17 -10.96
C SER A 449 -24.77 -19.96 -10.90
N PHE A 450 -24.06 -19.94 -9.76
CA PHE A 450 -22.89 -20.77 -9.57
C PHE A 450 -23.28 -22.23 -9.74
N TYR A 451 -24.32 -22.67 -9.04
CA TYR A 451 -24.75 -24.07 -9.09
C TYR A 451 -25.25 -24.41 -10.49
N PHE A 452 -25.99 -23.49 -11.11
CA PHE A 452 -26.45 -23.70 -12.47
C PHE A 452 -25.27 -23.93 -13.41
N TYR A 453 -24.23 -23.10 -13.32
CA TYR A 453 -23.13 -23.17 -14.27
C TYR A 453 -22.37 -24.47 -14.05
N GLN A 454 -22.15 -24.82 -12.78
CA GLN A 454 -21.47 -26.04 -12.37
C GLN A 454 -22.10 -27.28 -13.03
N GLN A 455 -23.44 -27.33 -12.99
CA GLN A 455 -24.20 -28.41 -13.57
C GLN A 455 -24.11 -28.35 -15.10
N TYR A 456 -24.24 -27.14 -15.65
CA TYR A 456 -24.17 -26.96 -17.10
C TYR A 456 -22.85 -27.48 -17.64
N ILE A 457 -21.75 -27.19 -16.94
CA ILE A 457 -20.44 -27.60 -17.43
C ILE A 457 -20.37 -29.13 -17.42
N LYS A 458 -20.78 -29.72 -16.29
CA LYS A 458 -20.84 -31.16 -16.11
C LYS A 458 -21.58 -31.84 -17.26
N GLU A 459 -22.68 -31.25 -17.73
CA GLU A 459 -23.51 -31.83 -18.77
C GLU A 459 -23.00 -31.51 -20.16
N ASN A 460 -22.04 -30.58 -20.31
CA ASN A 460 -21.63 -30.13 -21.63
C ASN A 460 -20.11 -30.18 -21.79
N SER A 461 -19.49 -31.11 -21.06
CA SER A 461 -18.09 -31.41 -21.18
C SER A 461 -17.90 -32.94 -21.09
N MET B 9 16.81 17.16 -3.37
CA MET B 9 15.39 16.89 -2.99
C MET B 9 15.17 15.43 -2.63
N SER B 10 16.12 14.54 -2.96
CA SER B 10 15.99 13.12 -2.63
C SER B 10 16.51 12.84 -1.22
N PHE B 11 16.06 11.72 -0.65
CA PHE B 11 16.68 11.17 0.54
C PHE B 11 18.04 10.62 0.14
N PRO B 12 19.13 10.82 0.93
CA PRO B 12 20.45 10.35 0.52
C PRO B 12 20.49 8.84 0.34
N LYS B 13 21.38 8.38 -0.53
CA LYS B 13 21.73 6.97 -0.67
C LYS B 13 22.04 6.39 0.72
N GLY B 14 21.47 5.23 1.05
CA GLY B 14 21.75 4.58 2.30
C GLY B 14 21.00 5.17 3.50
N PHE B 15 20.05 6.07 3.26
CA PHE B 15 19.20 6.62 4.31
C PHE B 15 18.55 5.48 5.07
N LEU B 16 18.65 5.48 6.41
CA LEU B 16 18.13 4.35 7.18
C LEU B 16 16.65 4.55 7.49
N TRP B 17 15.80 4.12 6.55
CA TRP B 17 14.40 3.88 6.83
C TRP B 17 14.22 2.72 7.81
N GLY B 18 13.67 3.04 8.99
CA GLY B 18 13.54 2.04 10.03
C GLY B 18 12.19 2.04 10.74
N ALA B 19 12.10 1.12 11.71
CA ALA B 19 11.03 1.11 12.68
C ALA B 19 11.68 0.80 14.02
N ALA B 20 10.99 1.21 15.08
CA ALA B 20 11.52 1.21 16.43
C ALA B 20 10.57 0.49 17.36
N THR B 21 11.15 -0.21 18.33
CA THR B 21 10.44 -0.81 19.45
C THR B 21 11.29 -0.61 20.71
N ALA B 22 10.73 -1.06 21.84
CA ALA B 22 11.44 -1.13 23.11
C ALA B 22 11.12 -2.47 23.78
N SER B 23 12.13 -3.00 24.50
CA SER B 23 12.05 -4.33 25.08
C SER B 23 10.80 -4.52 25.94
N TYR B 24 10.60 -3.66 26.94
CA TYR B 24 9.51 -3.87 27.87
C TYR B 24 8.17 -3.77 27.14
N GLN B 25 8.14 -2.97 26.07
CA GLN B 25 6.90 -2.68 25.36
C GLN B 25 6.42 -3.87 24.53
N ILE B 26 7.35 -4.76 24.08
CA ILE B 26 6.95 -5.82 23.14
C ILE B 26 7.27 -7.23 23.62
N GLU B 27 8.31 -7.42 24.47
CA GLU B 27 8.92 -8.74 24.60
C GLU B 27 8.07 -9.74 25.38
N GLY B 28 7.42 -9.29 26.45
CA GLY B 28 6.83 -10.24 27.38
C GLY B 28 7.92 -11.14 27.99
N ALA B 29 7.58 -12.42 28.24
CA ALA B 29 8.46 -13.34 28.95
C ALA B 29 9.19 -12.62 30.08
N TRP B 30 8.41 -11.95 30.94
CA TRP B 30 8.95 -11.03 31.94
C TRP B 30 9.75 -11.72 33.04
N ASN B 31 9.57 -13.05 33.19
CA ASN B 31 10.19 -13.81 34.27
C ASN B 31 10.57 -15.21 33.78
N GLU B 32 11.05 -15.30 32.54
CA GLU B 32 11.46 -16.57 31.94
C GLU B 32 12.98 -16.54 31.74
N ASP B 33 13.58 -17.74 31.70
CA ASP B 33 14.98 -17.91 31.35
C ASP B 33 15.87 -17.08 32.27
N GLY B 34 15.45 -16.96 33.54
CA GLY B 34 16.25 -16.32 34.58
C GLY B 34 16.27 -14.80 34.52
N LYS B 35 15.39 -14.18 33.70
CA LYS B 35 15.39 -12.72 33.58
C LYS B 35 15.02 -12.09 34.93
N GLY B 36 15.81 -11.10 35.36
CA GLY B 36 15.56 -10.38 36.60
C GLY B 36 14.37 -9.43 36.49
N GLU B 37 13.88 -9.00 37.65
CA GLU B 37 12.79 -8.05 37.73
C GLU B 37 13.35 -6.68 37.37
N SER B 38 12.64 -5.95 36.48
CA SER B 38 12.91 -4.56 36.20
C SER B 38 11.96 -3.67 36.99
N ILE B 39 12.28 -2.37 37.04
CA ILE B 39 11.46 -1.39 37.70
C ILE B 39 10.09 -1.30 37.02
N TRP B 40 9.98 -1.79 35.77
CA TRP B 40 8.71 -1.78 35.08
C TRP B 40 7.88 -3.02 35.40
N ASP B 41 8.55 -4.14 35.70
CA ASP B 41 7.85 -5.28 36.28
C ASP B 41 7.29 -4.90 37.66
N ARG B 42 8.08 -4.20 38.47
CA ARG B 42 7.60 -3.77 39.77
C ARG B 42 6.47 -2.76 39.58
N PHE B 43 6.69 -1.75 38.72
CA PHE B 43 5.79 -0.60 38.63
C PHE B 43 4.40 -1.05 38.19
N THR B 44 4.34 -1.99 37.23
CA THR B 44 3.08 -2.37 36.65
C THR B 44 2.37 -3.40 37.51
N HIS B 45 3.08 -3.95 38.52
CA HIS B 45 2.50 -4.95 39.41
C HIS B 45 1.92 -4.31 40.67
N GLN B 46 2.09 -2.99 40.84
CA GLN B 46 1.40 -2.25 41.90
C GLN B 46 0.14 -1.63 41.30
N LYS B 47 -0.93 -1.53 42.09
CA LYS B 47 -2.20 -1.04 41.59
C LYS B 47 -2.12 0.47 41.37
N ARG B 48 -2.99 0.98 40.49
CA ARG B 48 -3.24 2.41 40.32
C ARG B 48 -2.15 3.08 39.49
N ASN B 49 -1.23 2.31 38.92
CA ASN B 49 -0.08 2.87 38.20
C ASN B 49 -0.34 2.97 36.70
N ILE B 50 -1.04 1.99 36.12
CA ILE B 50 -1.29 1.89 34.68
C ILE B 50 -2.79 1.90 34.44
N LEU B 51 -3.22 2.47 33.30
CA LEU B 51 -4.61 2.35 32.89
C LEU B 51 -5.01 0.88 32.76
N TYR B 52 -6.17 0.57 33.36
CA TYR B 52 -6.89 -0.70 33.26
C TYR B 52 -6.12 -1.84 33.93
N GLY B 53 -5.12 -1.51 34.75
CA GLY B 53 -4.28 -2.52 35.38
C GLY B 53 -3.46 -3.33 34.36
N HIS B 54 -3.22 -2.76 33.17
CA HIS B 54 -2.40 -3.41 32.16
C HIS B 54 -0.95 -3.56 32.63
N ASN B 55 -0.27 -4.62 32.16
CA ASN B 55 1.14 -4.79 32.44
C ASN B 55 1.85 -5.39 31.23
N GLY B 56 3.19 -5.47 31.31
CA GLY B 56 4.01 -5.98 30.23
C GLY B 56 4.42 -7.45 30.40
N ASP B 57 3.67 -8.23 31.19
CA ASP B 57 4.03 -9.63 31.41
C ASP B 57 4.11 -10.37 30.07
N VAL B 58 3.19 -10.06 29.16
CA VAL B 58 3.10 -10.76 27.88
C VAL B 58 3.42 -9.80 26.74
N ALA B 59 2.78 -8.62 26.75
CA ALA B 59 2.89 -7.65 25.68
C ALA B 59 2.63 -8.32 24.33
N CYS B 60 3.54 -8.19 23.37
CA CYS B 60 3.38 -8.77 22.04
C CYS B 60 4.08 -10.14 21.95
N ASP B 61 4.66 -10.60 23.07
CA ASP B 61 5.33 -11.89 23.13
C ASP B 61 6.38 -11.99 22.03
N HIS B 62 7.09 -10.88 21.80
CA HIS B 62 8.15 -10.81 20.80
C HIS B 62 9.27 -11.77 21.16
N TYR B 63 9.48 -12.02 22.47
CA TYR B 63 10.50 -12.95 22.94
C TYR B 63 10.34 -14.28 22.22
N HIS B 64 9.09 -14.72 22.03
CA HIS B 64 8.80 -15.98 21.36
C HIS B 64 8.60 -15.79 19.86
N ARG B 65 8.11 -14.62 19.41
CA ARG B 65 7.59 -14.50 18.07
C ARG B 65 8.51 -13.67 17.17
N PHE B 66 9.77 -13.46 17.60
CA PHE B 66 10.64 -12.52 16.92
C PHE B 66 10.89 -12.92 15.46
N GLU B 67 10.82 -14.22 15.13
CA GLU B 67 11.11 -14.65 13.76
C GLU B 67 10.03 -14.17 12.78
N GLU B 68 8.77 -14.30 13.19
CA GLU B 68 7.66 -13.76 12.41
C GLU B 68 7.85 -12.24 12.23
N ASP B 69 8.23 -11.54 13.32
CA ASP B 69 8.34 -10.09 13.31
C ASP B 69 9.48 -9.69 12.38
N VAL B 70 10.58 -10.44 12.40
CA VAL B 70 11.65 -10.14 11.45
C VAL B 70 11.20 -10.38 10.02
N SER B 71 10.40 -11.42 9.74
CA SER B 71 9.89 -11.59 8.38
C SER B 71 9.04 -10.41 7.95
N LEU B 72 8.26 -9.86 8.89
CA LEU B 72 7.44 -8.70 8.57
C LEU B 72 8.33 -7.50 8.23
N MET B 73 9.45 -7.33 8.94
CA MET B 73 10.39 -6.26 8.65
C MET B 73 10.96 -6.41 7.25
N LYS B 74 11.30 -7.65 6.87
CA LYS B 74 11.84 -7.96 5.56
C LYS B 74 10.79 -7.62 4.50
N GLU B 75 9.57 -8.08 4.71
CA GLU B 75 8.48 -7.73 3.81
C GLU B 75 8.34 -6.21 3.68
N LEU B 76 8.47 -5.48 4.79
CA LEU B 76 8.32 -4.04 4.79
C LEU B 76 9.45 -3.35 4.02
N GLY B 77 10.62 -4.00 3.97
CA GLY B 77 11.77 -3.44 3.28
C GLY B 77 12.59 -2.48 4.15
N LEU B 78 12.47 -2.62 5.48
CA LEU B 78 13.23 -1.80 6.41
C LEU B 78 14.72 -1.92 6.13
N LYS B 79 15.46 -0.81 6.16
CA LYS B 79 16.90 -0.81 6.08
C LYS B 79 17.48 -1.06 7.47
N ALA B 80 16.70 -0.70 8.50
CA ALA B 80 17.18 -0.75 9.87
C ALA B 80 16.02 -0.99 10.84
N TYR B 81 16.37 -1.52 12.00
CA TYR B 81 15.42 -1.85 13.06
C TYR B 81 16.07 -1.41 14.37
N ARG B 82 15.36 -0.55 15.09
CA ARG B 82 15.80 -0.07 16.38
C ARG B 82 15.01 -0.82 17.46
N PHE B 83 15.77 -1.42 18.39
CA PHE B 83 15.22 -2.11 19.52
C PHE B 83 16.12 -1.89 20.73
N SER B 84 15.62 -2.28 21.91
CA SER B 84 16.40 -2.10 23.12
C SER B 84 16.74 -3.47 23.69
N ILE B 85 17.85 -3.52 24.40
CA ILE B 85 18.25 -4.71 25.12
C ILE B 85 17.84 -4.55 26.58
N ALA B 86 17.14 -5.57 27.09
CA ALA B 86 16.74 -5.61 28.49
C ALA B 86 17.92 -6.03 29.37
N TRP B 87 18.48 -5.06 30.09
CA TRP B 87 19.57 -5.24 31.02
C TRP B 87 19.29 -6.43 31.94
N THR B 88 18.03 -6.60 32.37
CA THR B 88 17.69 -7.65 33.33
C THR B 88 17.76 -9.04 32.70
N ARG B 89 17.70 -9.15 31.36
CA ARG B 89 17.93 -10.44 30.71
C ARG B 89 19.42 -10.79 30.72
N ILE B 90 20.31 -9.79 30.82
CA ILE B 90 21.76 -10.01 30.75
C ILE B 90 22.37 -10.11 32.16
N PHE B 91 22.12 -9.10 32.99
CA PHE B 91 22.49 -9.13 34.40
C PHE B 91 21.21 -9.05 35.22
N PRO B 92 20.57 -10.19 35.57
CA PRO B 92 19.36 -10.20 36.39
C PRO B 92 19.39 -9.33 37.65
N ASP B 93 20.55 -9.25 38.30
CA ASP B 93 20.71 -8.40 39.47
C ASP B 93 21.46 -7.12 39.12
N GLY B 94 21.62 -6.84 37.81
CA GLY B 94 22.24 -5.60 37.37
C GLY B 94 23.76 -5.69 37.24
N PHE B 95 24.37 -6.56 38.06
CA PHE B 95 25.79 -6.87 38.00
C PHE B 95 25.90 -8.34 38.40
N GLY B 96 27.14 -8.87 38.45
CA GLY B 96 27.38 -10.23 38.90
C GLY B 96 27.24 -11.22 37.76
N THR B 97 26.48 -12.30 38.01
CA THR B 97 26.33 -13.39 37.05
C THR B 97 25.77 -12.87 35.74
N VAL B 98 26.36 -13.31 34.62
CA VAL B 98 25.84 -13.05 33.29
C VAL B 98 24.89 -14.18 32.91
N ASN B 99 23.66 -13.87 32.47
CA ASN B 99 22.69 -14.89 32.10
C ASN B 99 22.85 -15.24 30.63
N GLN B 100 23.09 -16.54 30.34
CA GLN B 100 23.43 -16.98 29.00
C GLN B 100 22.20 -16.98 28.10
N LYS B 101 21.05 -17.32 28.69
CA LYS B 101 19.81 -17.42 27.95
C LYS B 101 19.43 -16.05 27.37
N GLY B 102 19.68 -14.99 28.16
CA GLY B 102 19.50 -13.62 27.71
C GLY B 102 20.38 -13.28 26.50
N LEU B 103 21.69 -13.52 26.64
CA LEU B 103 22.63 -13.32 25.54
C LEU B 103 22.18 -14.08 24.29
N GLU B 104 21.74 -15.32 24.48
CA GLU B 104 21.32 -16.18 23.40
C GLU B 104 20.09 -15.60 22.69
N PHE B 105 19.24 -14.86 23.42
CA PHE B 105 18.07 -14.29 22.76
C PHE B 105 18.53 -13.19 21.79
N TYR B 106 19.36 -12.25 22.25
CA TYR B 106 19.80 -11.14 21.42
C TYR B 106 20.75 -11.64 20.32
N ASP B 107 21.48 -12.74 20.59
CA ASP B 107 22.29 -13.38 19.57
C ASP B 107 21.40 -13.75 18.39
N ARG B 108 20.29 -14.43 18.68
CA ARG B 108 19.41 -14.98 17.65
C ARG B 108 18.68 -13.85 16.91
N LEU B 109 18.26 -12.81 17.63
CA LEU B 109 17.54 -11.70 17.02
C LEU B 109 18.47 -10.97 16.05
N ILE B 110 19.67 -10.64 16.54
CA ILE B 110 20.63 -9.88 15.76
C ILE B 110 21.06 -10.70 14.55
N ASN B 111 21.30 -12.00 14.74
CA ASN B 111 21.68 -12.85 13.62
C ASN B 111 20.57 -12.84 12.57
N LYS B 112 19.31 -12.92 13.03
CA LYS B 112 18.21 -13.04 12.10
C LYS B 112 18.04 -11.73 11.33
N LEU B 113 18.26 -10.59 12.02
CA LEU B 113 18.22 -9.29 11.36
C LEU B 113 19.28 -9.19 10.28
N VAL B 114 20.52 -9.53 10.62
CA VAL B 114 21.63 -9.35 9.70
C VAL B 114 21.45 -10.24 8.48
N GLU B 115 20.99 -11.47 8.74
CA GLU B 115 20.74 -12.47 7.73
C GLU B 115 19.71 -11.95 6.71
N ASN B 116 18.80 -11.07 7.16
CA ASN B 116 17.77 -10.53 6.30
C ASN B 116 18.17 -9.17 5.76
N GLY B 117 19.41 -8.75 5.97
CA GLY B 117 19.92 -7.51 5.40
C GLY B 117 19.39 -6.27 6.12
N ILE B 118 18.97 -6.42 7.38
CA ILE B 118 18.47 -5.32 8.17
C ILE B 118 19.52 -4.91 9.21
N GLU B 119 19.86 -3.63 9.21
CA GLU B 119 20.85 -3.10 10.11
C GLU B 119 20.26 -2.92 11.51
N PRO B 120 20.80 -3.62 12.54
CA PRO B 120 20.34 -3.46 13.91
C PRO B 120 20.87 -2.17 14.54
N VAL B 121 19.99 -1.47 15.24
CA VAL B 121 20.35 -0.28 15.99
C VAL B 121 19.85 -0.49 17.42
N VAL B 122 20.78 -0.47 18.37
CA VAL B 122 20.48 -0.96 19.71
C VAL B 122 20.46 0.20 20.68
N THR B 123 19.33 0.32 21.38
CA THR B 123 19.22 1.15 22.55
C THR B 123 19.64 0.33 23.76
N LEU B 124 20.69 0.77 24.45
CA LEU B 124 21.20 0.06 25.62
C LEU B 124 20.25 0.18 26.80
N TYR B 125 19.60 1.35 26.96
CA TYR B 125 18.73 1.62 28.08
C TYR B 125 17.46 2.33 27.58
N HIS B 126 16.34 1.60 27.58
CA HIS B 126 15.01 2.14 27.30
C HIS B 126 14.12 1.88 28.51
N TRP B 127 14.60 2.28 29.70
CA TRP B 127 13.81 2.60 30.88
C TRP B 127 13.67 1.44 31.87
N ASP B 128 14.22 0.25 31.56
CA ASP B 128 13.95 -0.97 32.32
C ASP B 128 15.13 -1.33 33.23
N LEU B 129 15.44 -0.41 34.16
CA LEU B 129 16.51 -0.65 35.12
C LEU B 129 16.21 -1.91 35.93
N PRO B 130 17.22 -2.76 36.23
CA PRO B 130 17.06 -3.85 37.20
C PRO B 130 16.57 -3.35 38.56
N GLN B 131 15.57 -4.03 39.11
CA GLN B 131 14.96 -3.67 40.39
C GLN B 131 15.98 -3.78 41.51
N LYS B 132 16.89 -4.76 41.41
CA LYS B 132 17.96 -4.89 42.39
C LYS B 132 18.79 -3.61 42.46
N LEU B 133 18.99 -2.91 41.34
CA LEU B 133 19.78 -1.68 41.36
C LEU B 133 18.97 -0.48 41.86
N GLN B 134 17.65 -0.50 41.64
CA GLN B 134 16.78 0.52 42.21
C GLN B 134 16.74 0.35 43.73
N ASP B 135 16.84 -0.90 44.21
CA ASP B 135 16.82 -1.18 45.64
C ASP B 135 17.92 -0.40 46.35
N ILE B 136 19.01 -0.07 45.67
CA ILE B 136 20.11 0.66 46.29
C ILE B 136 20.20 2.10 45.78
N GLY B 137 19.09 2.67 45.28
CA GLY B 137 19.03 4.08 44.92
C GLY B 137 18.90 4.34 43.41
N GLY B 138 19.12 3.29 42.60
CA GLY B 138 19.00 3.40 41.15
C GLY B 138 19.92 4.48 40.59
N TRP B 139 19.35 5.35 39.74
CA TRP B 139 20.14 6.32 38.99
C TRP B 139 20.64 7.45 39.89
N ALA B 140 20.10 7.53 41.11
CA ALA B 140 20.48 8.56 42.07
C ALA B 140 21.75 8.13 42.83
N ASN B 141 22.08 6.84 42.73
CA ASN B 141 23.27 6.28 43.35
C ASN B 141 24.43 6.33 42.36
N PRO B 142 25.53 7.08 42.61
CA PRO B 142 26.60 7.27 41.63
C PRO B 142 27.24 5.99 41.09
N GLU B 143 27.10 4.89 41.83
CA GLU B 143 27.67 3.61 41.44
C GLU B 143 26.94 3.03 40.23
N ILE B 144 25.73 3.54 39.93
CA ILE B 144 24.94 3.04 38.83
C ILE B 144 25.69 3.24 37.52
N VAL B 145 26.45 4.34 37.43
CA VAL B 145 27.20 4.71 36.24
C VAL B 145 28.15 3.57 35.86
N ASN B 146 28.77 2.93 36.86
CA ASN B 146 29.72 1.86 36.61
C ASN B 146 29.01 0.56 36.32
N TYR B 147 27.88 0.30 36.97
CA TYR B 147 27.09 -0.88 36.67
C TYR B 147 26.57 -0.84 35.23
N TYR B 148 26.11 0.35 34.82
CA TYR B 148 25.60 0.57 33.49
C TYR B 148 26.72 0.39 32.48
N PHE B 149 27.85 1.07 32.71
CA PHE B 149 29.02 1.00 31.84
C PHE B 149 29.47 -0.44 31.59
N ASP B 150 29.54 -1.26 32.65
CA ASP B 150 29.97 -2.64 32.52
C ASP B 150 28.99 -3.44 31.66
N TYR B 151 27.69 -3.22 31.90
CA TYR B 151 26.67 -3.87 31.07
C TYR B 151 26.85 -3.41 29.61
N ALA B 152 26.99 -2.10 29.41
CA ALA B 152 27.04 -1.54 28.08
C ALA B 152 28.24 -2.13 27.32
N MET B 153 29.42 -2.12 27.94
CA MET B 153 30.64 -2.52 27.26
C MET B 153 30.61 -4.02 26.94
N LEU B 154 29.98 -4.81 27.81
CA LEU B 154 29.86 -6.24 27.55
C LEU B 154 29.05 -6.46 26.27
N VAL B 155 27.89 -5.79 26.15
CA VAL B 155 27.03 -6.07 25.01
CA VAL B 155 27.00 -5.99 25.02
C VAL B 155 27.68 -5.44 23.77
N ILE B 156 28.32 -4.28 23.90
CA ILE B 156 28.98 -3.68 22.74
C ILE B 156 30.04 -4.64 22.22
N ASN B 157 30.84 -5.22 23.13
CA ASN B 157 31.94 -6.07 22.70
C ASN B 157 31.40 -7.33 22.07
N ARG B 158 30.26 -7.83 22.58
CA ARG B 158 29.69 -9.05 22.05
C ARG B 158 29.19 -8.85 20.62
N TYR B 159 28.55 -7.70 20.31
CA TYR B 159 27.75 -7.58 19.10
C TYR B 159 28.31 -6.57 18.10
N LYS B 160 29.49 -6.00 18.40
CA LYS B 160 30.06 -4.91 17.60
C LYS B 160 30.31 -5.31 16.14
N ASP B 161 30.52 -6.60 15.85
CA ASP B 161 30.69 -7.02 14.46
C ASP B 161 29.39 -6.89 13.67
N LYS B 162 28.24 -6.89 14.35
CA LYS B 162 26.97 -6.87 13.64
C LYS B 162 26.15 -5.62 13.93
N VAL B 163 26.39 -4.97 15.07
CA VAL B 163 25.68 -3.77 15.47
C VAL B 163 26.65 -2.60 15.48
N LYS B 164 26.44 -1.65 14.57
CA LYS B 164 27.36 -0.55 14.34
C LYS B 164 26.83 0.77 14.88
N LYS B 165 25.60 0.74 15.41
CA LYS B 165 24.98 1.93 15.96
C LYS B 165 24.37 1.60 17.32
N TRP B 166 24.81 2.35 18.32
CA TRP B 166 24.42 2.13 19.71
C TRP B 166 23.92 3.43 20.30
N ILE B 167 22.78 3.35 20.99
CA ILE B 167 22.17 4.49 21.64
C ILE B 167 22.30 4.25 23.15
N THR B 168 22.98 5.16 23.85
CA THR B 168 23.21 4.96 25.27
C THR B 168 21.89 4.98 26.03
N PHE B 169 21.08 6.03 25.79
CA PHE B 169 19.82 6.21 26.48
C PHE B 169 18.72 6.66 25.52
N ASN B 170 17.52 6.15 25.80
CA ASN B 170 16.29 6.66 25.22
C ASN B 170 15.65 7.67 26.17
N GLU B 171 15.61 8.94 25.77
CA GLU B 171 14.84 9.97 26.44
C GLU B 171 15.19 10.07 27.92
N PRO B 172 16.38 10.59 28.26
CA PRO B 172 16.76 10.82 29.65
C PRO B 172 15.84 11.84 30.34
N TYR B 173 15.19 12.72 29.58
CA TYR B 173 14.19 13.59 30.18
C TYR B 173 13.12 12.75 30.86
N CYS B 174 12.61 11.72 30.16
CA CYS B 174 11.53 10.92 30.70
C CYS B 174 12.03 10.09 31.89
N ILE B 175 13.20 9.46 31.69
CA ILE B 175 13.82 8.67 32.74
C ILE B 175 13.84 9.45 34.06
N ALA B 176 14.32 10.70 34.02
CA ALA B 176 14.55 11.48 35.22
C ALA B 176 13.23 12.07 35.77
N PHE B 177 12.49 12.80 34.93
CA PHE B 177 11.40 13.61 35.42
C PHE B 177 10.11 12.80 35.56
N LEU B 178 9.83 11.90 34.61
CA LEU B 178 8.64 11.09 34.69
C LEU B 178 8.84 9.96 35.70
N GLY B 179 10.11 9.51 35.82
CA GLY B 179 10.47 8.44 36.72
C GLY B 179 10.69 8.90 38.16
N TYR B 180 11.29 10.09 38.36
CA TYR B 180 11.77 10.49 39.68
C TYR B 180 11.16 11.80 40.18
N PHE B 181 10.37 12.50 39.34
CA PHE B 181 9.79 13.77 39.75
C PHE B 181 8.26 13.70 39.73
N HIS B 182 7.68 13.34 38.57
CA HIS B 182 6.24 13.19 38.43
C HIS B 182 5.82 11.83 38.97
N GLY B 183 6.71 10.83 38.86
CA GLY B 183 6.43 9.51 39.38
C GLY B 183 5.31 8.78 38.62
N ILE B 184 5.02 9.19 37.38
CA ILE B 184 4.02 8.50 36.58
C ILE B 184 4.66 7.34 35.82
N HIS B 185 6.00 7.31 35.74
CA HIS B 185 6.74 6.18 35.18
C HIS B 185 7.55 5.48 36.28
N ALA B 186 7.94 4.23 36.04
CA ALA B 186 8.87 3.60 36.97
C ALA B 186 10.11 4.47 37.14
N PRO B 187 10.72 4.56 38.35
CA PRO B 187 10.26 3.81 39.52
C PRO B 187 9.22 4.50 40.44
N GLY B 188 8.72 5.65 40.01
CA GLY B 188 7.53 6.24 40.64
C GLY B 188 7.85 7.14 41.83
N ILE B 189 9.08 7.68 41.85
CA ILE B 189 9.56 8.59 42.88
C ILE B 189 9.15 10.01 42.50
N LYS B 190 9.00 10.88 43.52
CA LYS B 190 8.48 12.23 43.31
C LYS B 190 9.34 13.21 44.11
N ASP B 191 10.46 13.63 43.52
CA ASP B 191 11.43 14.46 44.20
C ASP B 191 12.36 15.10 43.16
N PHE B 192 12.14 16.39 42.90
CA PHE B 192 12.79 17.09 41.79
C PHE B 192 14.31 17.11 41.94
N LYS B 193 14.81 17.17 43.18
CA LYS B 193 16.24 17.21 43.43
C LYS B 193 16.87 15.87 43.07
N VAL B 194 16.16 14.77 43.37
CA VAL B 194 16.63 13.45 42.99
C VAL B 194 16.63 13.32 41.47
N ALA B 195 15.62 13.90 40.81
CA ALA B 195 15.54 13.87 39.36
C ALA B 195 16.75 14.55 38.75
N MET B 196 17.20 15.65 39.35
CA MET B 196 18.34 16.38 38.80
C MET B 196 19.61 15.54 39.00
N ASP B 197 19.67 14.77 40.09
CA ASP B 197 20.76 13.83 40.29
C ASP B 197 20.78 12.82 39.15
N VAL B 198 19.61 12.23 38.86
CA VAL B 198 19.44 11.27 37.78
C VAL B 198 19.89 11.88 36.46
N VAL B 199 19.42 13.09 36.13
CA VAL B 199 19.87 13.76 34.93
C VAL B 199 21.37 13.61 34.79
N HIS B 200 22.11 13.88 35.88
CA HIS B 200 23.56 13.97 35.83
C HIS B 200 24.20 12.59 35.70
N SER B 201 23.66 11.59 36.43
CA SER B 201 24.11 10.21 36.31
C SER B 201 23.97 9.71 34.87
N LEU B 202 22.88 10.10 34.21
CA LEU B 202 22.64 9.68 32.84
C LEU B 202 23.70 10.30 31.94
N MET B 203 24.01 11.60 32.13
CA MET B 203 24.96 12.28 31.27
C MET B 203 26.35 11.65 31.43
N LEU B 204 26.76 11.37 32.66
CA LEU B 204 28.08 10.81 32.91
C LEU B 204 28.11 9.37 32.36
N SER B 205 27.03 8.61 32.55
CA SER B 205 26.95 7.27 32.01
C SER B 205 27.17 7.30 30.48
N HIS B 206 26.47 8.24 29.81
CA HIS B 206 26.59 8.44 28.37
C HIS B 206 28.05 8.69 27.96
N PHE B 207 28.68 9.67 28.59
CA PHE B 207 30.03 10.06 28.22
C PHE B 207 31.01 8.89 28.42
N LYS B 208 30.78 8.07 29.44
CA LYS B 208 31.70 7.01 29.80
C LYS B 208 31.77 5.98 28.68
N VAL B 209 30.58 5.66 28.11
CA VAL B 209 30.47 4.69 27.05
C VAL B 209 31.08 5.25 25.77
N VAL B 210 30.75 6.48 25.42
CA VAL B 210 31.28 7.12 24.24
C VAL B 210 32.81 7.10 24.33
N LYS B 211 33.33 7.42 25.51
CA LYS B 211 34.75 7.56 25.76
C LYS B 211 35.46 6.21 25.56
N ALA B 212 34.94 5.13 26.18
CA ALA B 212 35.56 3.82 26.11
C ALA B 212 35.59 3.31 24.66
N VAL B 213 34.49 3.49 23.92
CA VAL B 213 34.45 3.11 22.51
C VAL B 213 35.58 3.80 21.76
N LYS B 214 35.73 5.11 21.94
CA LYS B 214 36.69 5.85 21.13
C LYS B 214 38.11 5.57 21.58
N GLU B 215 38.30 5.47 22.90
CA GLU B 215 39.60 5.23 23.50
C GLU B 215 40.12 3.84 23.11
N ASN B 216 39.23 2.86 22.96
CA ASN B 216 39.63 1.50 22.63
C ASN B 216 39.53 1.21 21.13
N ASN B 217 39.21 2.25 20.34
CA ASN B 217 39.18 2.16 18.89
C ASN B 217 38.19 1.06 18.50
N ILE B 218 37.05 1.00 19.20
CA ILE B 218 35.98 0.09 18.83
C ILE B 218 35.22 0.71 17.66
N ASP B 219 35.06 -0.08 16.59
CA ASP B 219 34.53 0.42 15.33
C ASP B 219 33.01 0.36 15.33
N VAL B 220 32.40 1.14 16.23
CA VAL B 220 30.95 1.33 16.23
C VAL B 220 30.70 2.81 16.44
N GLU B 221 29.47 3.26 16.16
CA GLU B 221 29.04 4.61 16.47
C GLU B 221 28.17 4.60 17.72
N VAL B 222 28.36 5.61 18.57
CA VAL B 222 27.62 5.74 19.80
C VAL B 222 26.92 7.09 19.78
N GLY B 223 25.62 7.06 20.05
CA GLY B 223 24.81 8.26 20.14
C GLY B 223 23.87 8.19 21.35
N ILE B 224 22.93 9.13 21.37
CA ILE B 224 21.91 9.16 22.39
C ILE B 224 20.61 9.69 21.76
N THR B 225 19.48 9.24 22.30
CA THR B 225 18.18 9.67 21.84
C THR B 225 17.54 10.60 22.89
N LEU B 226 17.18 11.81 22.42
CA LEU B 226 16.49 12.81 23.20
C LEU B 226 15.11 13.08 22.60
N ASN B 227 14.12 13.23 23.45
CA ASN B 227 12.85 13.74 22.97
C ASN B 227 12.91 15.25 23.03
N LEU B 228 12.57 15.86 21.90
CA LEU B 228 12.61 17.29 21.72
C LEU B 228 11.21 17.73 21.34
N THR B 229 10.78 18.80 21.99
CA THR B 229 9.48 19.40 21.80
C THR B 229 9.73 20.86 21.44
N PRO B 230 9.61 21.26 20.16
CA PRO B 230 9.79 22.66 19.81
C PRO B 230 8.65 23.44 20.48
N VAL B 231 8.98 24.62 21.03
CA VAL B 231 8.04 25.41 21.79
C VAL B 231 7.70 26.69 21.02
N TYR B 232 6.40 27.05 21.01
CA TYR B 232 5.92 28.22 20.31
C TYR B 232 5.14 29.10 21.28
N LEU B 233 5.10 30.40 20.99
CA LEU B 233 4.46 31.38 21.86
C LEU B 233 3.06 31.65 21.34
N GLN B 234 2.04 31.36 22.15
CA GLN B 234 0.67 31.75 21.84
C GLN B 234 0.60 33.24 21.47
N THR B 235 1.39 34.07 22.19
CA THR B 235 1.40 35.51 21.99
C THR B 235 1.72 35.82 20.53
N GLU B 236 2.69 35.08 19.95
CA GLU B 236 3.04 35.28 18.55
C GLU B 236 1.97 34.74 17.62
N ARG B 237 1.33 33.63 17.98
CA ARG B 237 0.21 33.13 17.20
C ARG B 237 -0.91 34.17 17.13
N LEU B 238 -1.08 34.96 18.20
CA LEU B 238 -2.13 35.96 18.25
C LEU B 238 -1.71 37.29 17.60
N GLY B 239 -0.43 37.42 17.21
CA GLY B 239 0.07 38.62 16.56
C GLY B 239 0.30 39.77 17.54
N TYR B 240 0.47 39.46 18.84
CA TYR B 240 0.68 40.48 19.86
C TYR B 240 2.17 40.66 20.08
N LYS B 241 2.54 41.74 20.78
CA LYS B 241 3.91 41.97 21.23
C LYS B 241 4.23 41.05 22.39
N VAL B 242 5.45 40.49 22.38
CA VAL B 242 5.88 39.58 23.44
C VAL B 242 6.58 40.39 24.54
N SER B 243 6.16 40.21 25.79
CA SER B 243 6.83 40.85 26.90
C SER B 243 8.11 40.08 27.25
N GLU B 244 9.04 40.78 27.90
CA GLU B 244 10.33 40.18 28.22
C GLU B 244 10.15 39.06 29.24
N ILE B 245 9.25 39.24 30.21
CA ILE B 245 9.06 38.23 31.24
C ILE B 245 8.52 36.93 30.62
N GLU B 246 7.61 37.04 29.64
CA GLU B 246 7.04 35.86 29.03
C GLU B 246 8.12 35.15 28.22
N ARG B 247 8.86 35.93 27.44
CA ARG B 247 9.90 35.37 26.58
C ARG B 247 10.89 34.59 27.45
N GLU B 248 11.32 35.18 28.56
CA GLU B 248 12.24 34.53 29.47
C GLU B 248 11.64 33.26 30.08
N MET B 249 10.38 33.29 30.50
CA MET B 249 9.87 32.20 31.32
C MET B 249 9.49 31.01 30.43
N VAL B 250 8.99 31.30 29.22
CA VAL B 250 8.70 30.24 28.27
C VAL B 250 10.02 29.63 27.79
N SER B 251 11.04 30.48 27.59
CA SER B 251 12.35 30.03 27.19
C SER B 251 12.93 29.06 28.22
N LEU B 252 12.81 29.39 29.51
CA LEU B 252 13.27 28.50 30.57
C LEU B 252 12.54 27.16 30.54
N SER B 253 11.24 27.16 30.22
CA SER B 253 10.48 25.92 30.17
C SER B 253 10.92 25.07 28.98
N SER B 254 11.30 25.68 27.85
CA SER B 254 11.80 24.94 26.70
C SER B 254 13.19 24.37 26.95
N GLN B 255 13.99 25.06 27.78
CA GLN B 255 15.36 24.64 28.07
C GLN B 255 15.34 23.36 28.90
N LEU B 256 14.41 23.29 29.86
CA LEU B 256 14.20 22.10 30.66
C LEU B 256 13.86 20.89 29.77
N ASP B 257 13.01 21.10 28.76
CA ASP B 257 12.63 20.04 27.85
C ASP B 257 13.76 19.71 26.86
N ASN B 258 14.45 20.74 26.35
CA ASN B 258 15.26 20.59 25.14
C ASN B 258 16.76 20.76 25.41
N GLN B 259 17.18 21.89 25.97
CA GLN B 259 18.60 22.20 26.08
C GLN B 259 19.24 21.47 27.26
N LEU B 260 18.46 20.99 28.23
CA LEU B 260 19.04 20.41 29.45
C LEU B 260 19.89 19.21 29.10
N PHE B 261 19.51 18.49 28.04
CA PHE B 261 20.23 17.29 27.62
C PHE B 261 21.05 17.54 26.35
N LEU B 262 20.55 18.37 25.43
CA LEU B 262 21.25 18.70 24.20
C LEU B 262 22.59 19.38 24.50
N ASP B 263 22.56 20.39 25.38
CA ASP B 263 23.75 21.20 25.59
C ASP B 263 24.88 20.32 26.14
N PRO B 264 24.70 19.50 27.20
CA PRO B 264 25.76 18.62 27.66
C PRO B 264 26.24 17.66 26.56
N VAL B 265 25.28 17.06 25.85
CA VAL B 265 25.60 16.03 24.89
C VAL B 265 26.44 16.58 23.73
N LEU B 266 26.13 17.80 23.26
CA LEU B 266 26.76 18.34 22.06
C LEU B 266 27.74 19.47 22.37
N LYS B 267 27.67 20.07 23.56
CA LYS B 267 28.48 21.24 23.88
C LYS B 267 29.25 21.10 25.19
N GLY B 268 28.92 20.12 26.03
CA GLY B 268 29.68 19.86 27.23
C GLY B 268 29.43 20.86 28.36
N SER B 269 28.23 21.43 28.42
CA SER B 269 27.77 22.14 29.61
C SER B 269 26.25 22.13 29.66
N TYR B 270 25.69 22.20 30.87
CA TYR B 270 24.26 22.40 31.03
C TYR B 270 23.89 23.85 30.72
N PRO B 271 22.62 24.16 30.36
CA PRO B 271 22.18 25.55 30.18
C PRO B 271 22.18 26.31 31.51
N GLN B 272 23.06 27.31 31.60
CA GLN B 272 23.39 27.95 32.87
C GLN B 272 22.18 28.72 33.43
N LYS B 273 21.43 29.43 32.58
CA LYS B 273 20.30 30.23 33.05
C LYS B 273 19.26 29.34 33.73
N LEU B 274 19.10 28.11 33.21
CA LEU B 274 18.16 27.17 33.79
C LEU B 274 18.64 26.73 35.17
N LEU B 275 19.92 26.34 35.28
CA LEU B 275 20.44 25.93 36.55
C LEU B 275 20.27 27.05 37.56
N ASP B 276 20.57 28.29 37.14
CA ASP B 276 20.50 29.45 38.02
C ASP B 276 19.07 29.65 38.51
N TYR B 277 18.10 29.44 37.61
CA TYR B 277 16.69 29.57 37.94
C TYR B 277 16.30 28.49 38.96
N LEU B 278 16.76 27.26 38.75
CA LEU B 278 16.42 26.14 39.63
C LEU B 278 17.04 26.37 41.01
N VAL B 279 18.25 26.92 41.04
CA VAL B 279 18.92 27.28 42.30
C VAL B 279 18.12 28.38 43.00
N GLN B 280 17.73 29.41 42.24
CA GLN B 280 17.02 30.54 42.80
C GLN B 280 15.70 30.07 43.44
N LYS B 281 15.09 29.00 42.91
CA LYS B 281 13.80 28.54 43.42
C LYS B 281 13.96 27.37 44.39
N ASP B 282 15.17 27.16 44.94
CA ASP B 282 15.46 26.06 45.86
C ASP B 282 14.99 24.73 45.28
N LEU B 283 15.10 24.58 43.96
CA LEU B 283 14.84 23.30 43.30
C LEU B 283 16.14 22.53 43.07
N LEU B 284 17.27 23.19 43.33
CA LEU B 284 18.57 22.60 43.08
C LEU B 284 19.59 23.23 44.03
N ASP B 285 20.28 22.42 44.84
CA ASP B 285 21.30 22.94 45.74
C ASP B 285 22.41 23.60 44.92
N SER B 286 22.76 24.82 45.32
CA SER B 286 23.78 25.64 44.67
C SER B 286 25.05 24.84 44.37
N GLN B 287 25.48 24.03 45.35
CA GLN B 287 26.67 23.20 45.29
C GLN B 287 26.60 22.22 44.12
N LYS B 288 25.41 21.62 43.93
CA LYS B 288 25.18 20.62 42.91
C LYS B 288 25.24 21.28 41.53
N ALA B 289 24.65 22.47 41.41
CA ALA B 289 24.74 23.24 40.18
C ALA B 289 26.19 23.36 39.74
N LEU B 290 27.08 23.70 40.68
CA LEU B 290 28.48 23.94 40.37
C LEU B 290 29.16 22.64 39.96
N SER B 291 28.95 21.58 40.75
CA SER B 291 29.62 20.30 40.50
C SER B 291 29.17 19.70 39.16
N MET B 292 27.87 19.80 38.88
CA MET B 292 27.28 19.35 37.62
C MET B 292 28.02 19.96 36.44
N GLN B 293 28.15 21.28 36.41
CA GLN B 293 28.82 21.96 35.30
C GLN B 293 30.27 21.50 35.21
N GLN B 294 30.93 21.35 36.36
CA GLN B 294 32.34 20.98 36.37
C GLN B 294 32.51 19.55 35.85
N GLU B 295 31.66 18.64 36.31
CA GLU B 295 31.80 17.23 35.99
C GLU B 295 31.48 16.96 34.51
N VAL B 296 30.50 17.69 33.96
CA VAL B 296 30.15 17.52 32.56
C VAL B 296 31.27 18.10 31.70
N LYS B 297 31.84 19.24 32.11
CA LYS B 297 32.96 19.85 31.40
C LYS B 297 34.15 18.89 31.36
N GLU B 298 34.44 18.21 32.47
CA GLU B 298 35.58 17.29 32.59
C GLU B 298 35.38 16.03 31.75
N ASN B 299 34.13 15.54 31.64
CA ASN B 299 33.87 14.23 31.06
C ASN B 299 33.29 14.32 29.66
N PHE B 300 33.05 15.54 29.19
CA PHE B 300 32.39 15.74 27.91
C PHE B 300 33.16 15.01 26.82
N ILE B 301 32.41 14.27 25.99
CA ILE B 301 32.91 13.86 24.69
C ILE B 301 31.77 13.89 23.67
N PHE B 302 32.07 14.47 22.50
CA PHE B 302 31.12 14.62 21.41
C PHE B 302 30.73 13.24 20.89
N PRO B 303 29.44 12.97 20.59
CA PRO B 303 29.02 11.66 20.14
C PRO B 303 29.14 11.53 18.63
N ASP B 304 28.84 10.32 18.10
CA ASP B 304 28.87 10.02 16.68
C ASP B 304 27.58 10.45 15.98
N PHE B 305 26.44 10.39 16.70
CA PHE B 305 25.18 10.86 16.13
C PHE B 305 24.23 11.26 17.25
N LEU B 306 23.18 12.01 16.86
CA LEU B 306 22.10 12.43 17.73
C LEU B 306 20.80 11.75 17.31
N GLY B 307 20.17 11.02 18.25
CA GLY B 307 18.83 10.50 18.02
C GLY B 307 17.80 11.50 18.53
N ILE B 308 16.78 11.75 17.70
CA ILE B 308 15.67 12.64 18.04
C ILE B 308 14.37 11.83 17.99
N ASN B 309 13.61 11.88 19.08
CA ASN B 309 12.24 11.42 19.11
C ASN B 309 11.35 12.66 19.03
N TYR B 310 10.55 12.74 17.98
CA TYR B 310 9.70 13.89 17.74
C TYR B 310 8.28 13.38 17.54
N TYR B 311 7.31 14.00 18.25
CA TYR B 311 5.91 13.70 18.05
C TYR B 311 5.06 14.97 17.82
N THR B 312 5.40 16.07 18.52
CA THR B 312 4.50 17.21 18.56
C THR B 312 5.26 18.42 19.09
N ARG B 313 4.58 19.56 19.13
CA ARG B 313 5.12 20.77 19.70
C ARG B 313 4.39 21.07 21.00
N ALA B 314 4.82 22.14 21.68
CA ALA B 314 4.07 22.80 22.73
C ALA B 314 3.89 24.27 22.38
N VAL B 315 2.67 24.76 22.61
CA VAL B 315 2.38 26.18 22.55
C VAL B 315 2.17 26.64 23.99
N ARG B 316 2.94 27.64 24.42
CA ARG B 316 2.91 28.05 25.81
C ARG B 316 2.72 29.56 25.91
N LEU B 317 2.31 30.00 27.10
CA LEU B 317 2.23 31.41 27.42
C LEU B 317 2.38 31.63 28.91
N TYR B 318 2.66 32.88 29.29
CA TYR B 318 2.93 33.23 30.68
C TYR B 318 1.67 33.05 31.52
N ASP B 319 1.86 32.66 32.78
CA ASP B 319 0.77 32.52 33.73
C ASP B 319 1.36 32.62 35.13
N GLU B 320 1.25 33.81 35.74
CA GLU B 320 1.77 34.04 37.09
C GLU B 320 1.03 33.15 38.10
N ASN B 321 -0.22 32.78 37.80
CA ASN B 321 -1.03 31.98 38.71
C ASN B 321 -0.60 30.51 38.69
N SER B 322 0.30 30.13 37.77
CA SER B 322 0.57 28.73 37.49
C SER B 322 1.20 28.04 38.70
N SER B 323 0.89 26.76 38.88
CA SER B 323 1.46 25.95 39.95
C SER B 323 2.63 25.11 39.45
N TRP B 324 2.88 25.13 38.14
CA TRP B 324 4.06 24.48 37.55
C TRP B 324 5.32 25.19 38.04
N ILE B 325 6.49 24.58 37.82
CA ILE B 325 7.75 25.13 38.33
C ILE B 325 8.15 26.38 37.54
N PHE B 326 7.54 26.59 36.36
CA PHE B 326 7.62 27.85 35.65
C PHE B 326 6.23 28.47 35.58
N PRO B 327 6.10 29.81 35.61
CA PRO B 327 4.80 30.45 35.55
C PRO B 327 4.32 30.46 34.09
N ILE B 328 3.88 29.30 33.63
CA ILE B 328 3.46 29.14 32.25
C ILE B 328 2.26 28.19 32.22
N ARG B 329 1.48 28.30 31.15
CA ARG B 329 0.41 27.37 30.84
C ARG B 329 0.52 26.99 29.37
N TRP B 330 -0.18 25.92 28.99
CA TRP B 330 -0.20 25.45 27.61
C TRP B 330 -1.46 26.00 26.93
N GLU B 331 -1.38 26.22 25.60
CA GLU B 331 -2.57 26.43 24.79
C GLU B 331 -2.68 25.26 23.82
N HIS B 332 -3.91 24.96 23.37
CA HIS B 332 -4.15 23.93 22.37
C HIS B 332 -4.65 24.60 21.10
N PRO B 333 -3.76 24.77 20.09
CA PRO B 333 -4.14 25.33 18.80
C PRO B 333 -5.18 24.46 18.10
N ALA B 334 -5.99 25.07 17.24
CA ALA B 334 -6.93 24.32 16.44
C ALA B 334 -6.15 23.42 15.48
N GLY B 335 -6.72 22.25 15.19
CA GLY B 335 -6.13 21.33 14.23
C GLY B 335 -6.43 19.89 14.60
N GLU B 336 -5.65 18.97 14.01
CA GLU B 336 -5.78 17.55 14.21
C GLU B 336 -4.95 17.13 15.41
N TYR B 337 -5.56 16.28 16.24
CA TYR B 337 -4.91 15.69 17.40
C TYR B 337 -5.03 14.17 17.32
N THR B 338 -4.08 13.50 17.99
CA THR B 338 -4.06 12.05 18.08
C THR B 338 -4.75 11.59 19.36
N GLU B 339 -4.83 10.28 19.57
CA GLU B 339 -5.41 9.73 20.78
C GLU B 339 -4.60 10.08 22.03
N MET B 340 -3.36 10.56 21.86
CA MET B 340 -2.59 11.01 23.01
C MET B 340 -2.96 12.45 23.38
N GLY B 341 -3.79 13.12 22.58
CA GLY B 341 -4.03 14.53 22.77
C GLY B 341 -2.86 15.39 22.28
N TRP B 342 -2.11 14.87 21.30
CA TRP B 342 -0.96 15.54 20.71
C TRP B 342 -1.34 16.15 19.36
N GLU B 343 -1.00 17.43 19.21
CA GLU B 343 -1.22 18.14 17.97
C GLU B 343 -0.38 17.50 16.86
N VAL B 344 -1.02 17.27 15.71
CA VAL B 344 -0.32 16.90 14.50
C VAL B 344 0.29 18.17 13.93
N PHE B 345 1.62 18.29 14.01
CA PHE B 345 2.29 19.52 13.64
C PHE B 345 3.62 19.19 12.97
N PRO B 346 3.62 18.70 11.70
CA PRO B 346 4.85 18.35 11.01
C PRO B 346 5.84 19.51 10.80
N GLN B 347 5.36 20.76 10.77
CA GLN B 347 6.23 21.92 10.72
C GLN B 347 7.21 21.92 11.90
N GLY B 348 6.78 21.42 13.06
CA GLY B 348 7.61 21.36 14.26
C GLY B 348 8.85 20.49 14.05
N LEU B 349 8.73 19.43 13.23
CA LEU B 349 9.86 18.58 12.94
C LEU B 349 10.87 19.34 12.07
N PHE B 350 10.38 20.05 11.06
CA PHE B 350 11.26 20.85 10.22
C PHE B 350 11.95 21.94 11.04
N ASP B 351 11.17 22.71 11.80
CA ASP B 351 11.70 23.82 12.57
C ASP B 351 12.76 23.33 13.54
N LEU B 352 12.47 22.21 14.21
CA LEU B 352 13.38 21.59 15.17
C LEU B 352 14.71 21.22 14.52
N LEU B 353 14.67 20.57 13.34
CA LEU B 353 15.86 20.13 12.63
C LEU B 353 16.69 21.32 12.13
N ILE B 354 16.06 22.38 11.61
CA ILE B 354 16.79 23.56 11.19
C ILE B 354 17.50 24.14 12.42
N TRP B 355 16.78 24.20 13.53
CA TRP B 355 17.31 24.75 14.76
C TRP B 355 18.54 23.96 15.25
N ILE B 356 18.49 22.62 15.19
CA ILE B 356 19.65 21.83 15.61
C ILE B 356 20.84 22.16 14.69
N LYS B 357 20.59 22.20 13.38
CA LYS B 357 21.65 22.47 12.43
C LYS B 357 22.28 23.84 12.71
N GLU B 358 21.44 24.86 13.00
CA GLU B 358 21.91 26.23 13.14
C GLU B 358 22.51 26.49 14.53
N SER B 359 22.16 25.71 15.55
CA SER B 359 22.48 26.06 16.93
C SER B 359 23.61 25.21 17.49
N TYR B 360 23.90 24.06 16.89
CA TYR B 360 24.83 23.11 17.48
C TYR B 360 25.86 22.71 16.43
N PRO B 361 27.03 22.17 16.85
CA PRO B 361 28.01 21.65 15.90
C PRO B 361 27.39 20.58 15.01
N GLN B 362 27.89 20.51 13.78
CA GLN B 362 27.40 19.55 12.81
C GLN B 362 27.51 18.13 13.35
N ILE B 363 26.44 17.35 13.17
CA ILE B 363 26.41 15.97 13.64
C ILE B 363 25.33 15.21 12.89
N PRO B 364 25.59 13.96 12.46
CA PRO B 364 24.52 13.14 11.88
C PRO B 364 23.32 13.04 12.82
N ILE B 365 22.12 13.28 12.26
CA ILE B 365 20.88 13.15 13.01
C ILE B 365 20.08 11.97 12.48
N TYR B 366 19.54 11.17 13.40
CA TYR B 366 18.53 10.16 13.07
C TYR B 366 17.26 10.52 13.83
N ILE B 367 16.13 10.49 13.13
CA ILE B 367 14.86 10.50 13.83
C ILE B 367 14.64 9.08 14.33
N THR B 368 14.75 8.88 15.64
CA THR B 368 14.75 7.54 16.19
C THR B 368 13.35 7.12 16.60
N GLU B 369 12.42 8.08 16.63
CA GLU B 369 11.01 7.81 16.81
C GLU B 369 10.17 8.96 16.24
N ASN B 370 9.14 8.56 15.49
CA ASN B 370 8.06 9.44 15.08
C ASN B 370 6.89 8.54 14.69
N GLY B 371 5.68 8.99 15.04
CA GLY B 371 4.49 8.19 14.80
C GLY B 371 3.29 8.76 15.54
N ALA B 372 2.17 8.04 15.47
CA ALA B 372 0.92 8.56 16.01
C ALA B 372 0.04 7.42 16.51
N ALA B 373 -0.71 7.72 17.58
CA ALA B 373 -1.70 6.81 18.13
C ALA B 373 -3.11 7.17 17.66
N TYR B 374 -3.76 6.21 16.97
CA TYR B 374 -5.16 6.32 16.58
C TYR B 374 -5.87 5.06 17.11
N ASN B 375 -7.19 5.18 17.28
CA ASN B 375 -7.98 4.11 17.87
C ASN B 375 -8.35 3.11 16.78
N ASP B 376 -7.37 2.27 16.40
CA ASP B 376 -7.49 1.39 15.26
C ASP B 376 -8.57 0.34 15.51
N ILE B 377 -9.42 0.16 14.50
CA ILE B 377 -10.47 -0.85 14.46
C ILE B 377 -10.14 -1.84 13.34
N VAL B 378 -10.12 -3.13 13.68
CA VAL B 378 -10.01 -4.16 12.68
C VAL B 378 -11.39 -4.34 12.06
N THR B 379 -11.46 -4.19 10.73
CA THR B 379 -12.72 -4.29 10.02
C THR B 379 -13.14 -5.75 9.94
N GLU B 380 -14.34 -5.99 9.40
CA GLU B 380 -14.85 -7.35 9.25
C GLU B 380 -14.13 -8.13 8.16
N ASP B 381 -13.27 -7.47 7.36
CA ASP B 381 -12.47 -8.20 6.39
C ASP B 381 -11.01 -8.26 6.83
N GLY B 382 -10.74 -7.96 8.10
CA GLY B 382 -9.43 -8.16 8.68
C GLY B 382 -8.43 -7.07 8.30
N LYS B 383 -8.92 -5.86 8.00
CA LYS B 383 -8.03 -4.77 7.62
C LYS B 383 -8.09 -3.69 8.70
N VAL B 384 -7.09 -2.79 8.64
CA VAL B 384 -7.10 -1.60 9.44
C VAL B 384 -6.83 -0.44 8.50
N HIS B 385 -7.85 0.42 8.35
CA HIS B 385 -7.79 1.56 7.45
C HIS B 385 -7.35 2.79 8.24
N ASP B 386 -6.07 2.82 8.64
CA ASP B 386 -5.57 3.91 9.45
C ASP B 386 -5.14 5.07 8.54
N SER B 387 -6.10 5.72 7.90
CA SER B 387 -5.75 6.73 6.91
C SER B 387 -5.15 7.97 7.56
N LYS B 388 -5.50 8.23 8.83
CA LYS B 388 -4.98 9.37 9.56
C LYS B 388 -3.51 9.15 9.95
N ARG B 389 -3.17 7.90 10.29
CA ARG B 389 -1.78 7.55 10.55
C ARG B 389 -0.97 7.72 9.27
N ILE B 390 -1.50 7.27 8.13
CA ILE B 390 -0.82 7.44 6.85
C ILE B 390 -0.58 8.94 6.64
N GLU B 391 -1.62 9.77 6.82
CA GLU B 391 -1.47 11.20 6.60
C GLU B 391 -0.40 11.80 7.50
N TYR B 392 -0.42 11.42 8.79
CA TYR B 392 0.58 11.82 9.77
C TYR B 392 1.98 11.50 9.25
N LEU B 393 2.22 10.25 8.87
CA LEU B 393 3.56 9.83 8.47
C LEU B 393 3.97 10.58 7.21
N LYS B 394 3.04 10.69 6.25
CA LYS B 394 3.34 11.33 4.98
C LYS B 394 3.84 12.75 5.21
N GLN B 395 3.16 13.48 6.09
CA GLN B 395 3.50 14.87 6.30
C GLN B 395 4.84 15.01 7.01
N HIS B 396 5.13 14.06 7.92
CA HIS B 396 6.38 14.13 8.68
C HIS B 396 7.55 13.69 7.81
N PHE B 397 7.33 12.69 6.95
CA PHE B 397 8.31 12.33 5.94
C PHE B 397 8.65 13.55 5.08
N GLU B 398 7.62 14.33 4.70
CA GLU B 398 7.84 15.49 3.84
C GLU B 398 8.60 16.59 4.59
N ALA B 399 8.34 16.76 5.89
CA ALA B 399 9.11 17.69 6.70
C ALA B 399 10.57 17.25 6.81
N ALA B 400 10.80 15.93 6.96
CA ALA B 400 12.15 15.40 7.01
C ALA B 400 12.85 15.69 5.68
N ARG B 401 12.15 15.47 4.57
CA ARG B 401 12.70 15.75 3.24
C ARG B 401 13.06 17.22 3.12
N LYS B 402 12.18 18.10 3.59
CA LYS B 402 12.41 19.53 3.50
C LYS B 402 13.65 19.93 4.30
N ALA B 403 13.84 19.27 5.44
CA ALA B 403 15.00 19.49 6.30
C ALA B 403 16.29 19.15 5.56
N ILE B 404 16.31 17.99 4.89
CA ILE B 404 17.42 17.59 4.05
C ILE B 404 17.68 18.61 2.94
N GLU B 405 16.62 19.04 2.25
CA GLU B 405 16.74 20.01 1.17
C GLU B 405 17.38 21.29 1.67
N ASN B 406 17.16 21.59 2.96
CA ASN B 406 17.65 22.81 3.57
C ASN B 406 18.94 22.58 4.35
N GLY B 407 19.62 21.45 4.09
CA GLY B 407 21.00 21.26 4.50
C GLY B 407 21.17 20.51 5.82
N VAL B 408 20.08 20.00 6.42
CA VAL B 408 20.16 19.25 7.67
C VAL B 408 20.77 17.88 7.40
N ASP B 409 21.74 17.44 8.24
CA ASP B 409 22.41 16.15 8.05
C ASP B 409 21.59 15.01 8.65
N LEU B 410 20.40 14.76 8.07
CA LEU B 410 19.53 13.70 8.53
C LEU B 410 19.86 12.41 7.77
N ARG B 411 20.11 11.33 8.53
CA ARG B 411 20.66 10.12 7.96
C ARG B 411 19.71 8.94 8.14
N GLY B 412 18.59 9.14 8.85
CA GLY B 412 17.64 8.03 8.98
C GLY B 412 16.38 8.45 9.70
N TYR B 413 15.40 7.56 9.67
CA TYR B 413 14.08 7.84 10.19
C TYR B 413 13.42 6.54 10.63
N PHE B 414 13.14 6.43 11.92
CA PHE B 414 12.56 5.23 12.46
C PHE B 414 11.14 5.53 12.92
N VAL B 415 10.18 4.83 12.31
CA VAL B 415 8.79 4.96 12.68
C VAL B 415 8.56 4.21 14.00
N TRP B 416 7.99 4.95 14.95
CA TRP B 416 7.41 4.37 16.14
C TRP B 416 5.93 4.11 15.86
N SER B 417 5.51 2.85 15.80
CA SER B 417 6.32 1.69 16.12
C SER B 417 6.08 0.63 15.05
N LEU B 418 6.94 -0.38 15.01
CA LEU B 418 6.70 -1.52 14.12
C LEU B 418 5.33 -2.13 14.41
N MET B 419 4.99 -2.31 15.69
CA MET B 419 3.73 -2.92 16.05
C MET B 419 3.18 -2.23 17.29
N ASP B 420 1.86 -2.36 17.45
CA ASP B 420 1.17 -1.93 18.65
C ASP B 420 1.83 -2.58 19.85
N ASN B 421 1.85 -1.88 20.99
CA ASN B 421 2.65 -2.35 22.12
C ASN B 421 2.17 -1.71 23.41
N PHE B 422 2.87 -2.00 24.51
CA PHE B 422 2.51 -1.48 25.83
C PHE B 422 2.98 -0.04 25.97
N GLU B 423 2.03 0.89 25.98
CA GLU B 423 2.36 2.31 26.03
C GLU B 423 2.42 2.74 27.50
N TRP B 424 3.34 2.11 28.26
CA TRP B 424 3.72 2.60 29.57
C TRP B 424 2.48 2.79 30.44
N ALA B 425 2.26 3.98 31.03
CA ALA B 425 1.19 4.17 32.00
C ALA B 425 -0.18 4.16 31.33
N MET B 426 -0.20 4.29 29.99
CA MET B 426 -1.44 4.26 29.20
C MET B 426 -1.81 2.80 28.89
N GLY B 427 -0.94 1.85 29.25
CA GLY B 427 -1.18 0.46 28.93
C GLY B 427 -1.32 0.21 27.42
N TYR B 428 -2.18 -0.75 27.07
CA TYR B 428 -2.39 -1.15 25.68
C TYR B 428 -3.39 -0.25 24.97
N THR B 429 -3.85 0.83 25.64
CA THR B 429 -4.97 1.62 25.15
C THR B 429 -4.52 2.54 24.01
N LYS B 430 -3.21 2.70 23.81
CA LYS B 430 -2.72 3.54 22.70
C LYS B 430 -1.95 2.69 21.70
N ARG B 431 -2.41 2.72 20.45
CA ARG B 431 -1.84 1.89 19.41
C ARG B 431 -1.04 2.77 18.43
N PHE B 432 0.28 2.55 18.40
CA PHE B 432 1.19 3.31 17.55
C PHE B 432 1.72 2.49 16.37
N GLY B 433 1.38 1.20 16.29
CA GLY B 433 1.95 0.35 15.25
C GLY B 433 1.51 0.69 13.82
N ILE B 434 2.37 0.32 12.87
CA ILE B 434 1.95 0.11 11.48
C ILE B 434 1.50 -1.34 11.32
N ILE B 435 1.71 -2.16 12.36
CA ILE B 435 1.17 -3.49 12.46
C ILE B 435 0.29 -3.58 13.69
N TYR B 436 -0.96 -4.03 13.50
CA TYR B 436 -1.90 -4.19 14.59
C TYR B 436 -1.60 -5.51 15.30
N VAL B 437 -1.68 -5.51 16.63
CA VAL B 437 -1.49 -6.70 17.42
C VAL B 437 -2.80 -6.95 18.16
N ASP B 438 -3.39 -8.11 17.88
CA ASP B 438 -4.49 -8.66 18.66
C ASP B 438 -3.88 -9.38 19.87
N TYR B 439 -4.08 -8.82 21.06
CA TYR B 439 -3.38 -9.30 22.23
C TYR B 439 -3.97 -10.62 22.75
N GLU B 440 -5.20 -10.96 22.35
CA GLU B 440 -5.83 -12.20 22.78
C GLU B 440 -5.23 -13.39 22.01
N THR B 441 -4.91 -13.18 20.73
CA THR B 441 -4.39 -14.25 19.90
C THR B 441 -2.91 -14.04 19.55
N GLN B 442 -2.38 -12.84 19.77
CA GLN B 442 -1.05 -12.45 19.31
C GLN B 442 -0.96 -12.41 17.78
N LYS B 443 -2.10 -12.34 17.07
CA LYS B 443 -2.08 -12.16 15.62
C LYS B 443 -1.52 -10.78 15.27
N ARG B 444 -0.62 -10.74 14.27
CA ARG B 444 -0.17 -9.51 13.66
C ARG B 444 -0.98 -9.29 12.38
N ILE B 445 -1.56 -8.08 12.23
CA ILE B 445 -2.32 -7.68 11.05
C ILE B 445 -1.70 -6.41 10.47
N LYS B 446 -1.28 -6.46 9.20
CA LYS B 446 -0.68 -5.30 8.58
C LYS B 446 -1.74 -4.21 8.43
N LYS B 447 -1.47 -3.00 8.95
CA LYS B 447 -2.36 -1.87 8.75
C LYS B 447 -2.08 -1.26 7.37
N ASP B 448 -3.02 -0.45 6.88
CA ASP B 448 -2.81 0.25 5.62
C ASP B 448 -1.49 1.02 5.66
N SER B 449 -1.10 1.54 6.83
CA SER B 449 0.13 2.31 6.95
C SER B 449 1.37 1.47 6.68
N PHE B 450 1.29 0.16 6.95
CA PHE B 450 2.37 -0.77 6.60
C PHE B 450 2.67 -0.65 5.11
N TYR B 451 1.64 -0.75 4.28
CA TYR B 451 1.86 -0.75 2.84
C TYR B 451 2.27 0.64 2.36
N PHE B 452 1.70 1.68 2.93
CA PHE B 452 2.11 3.03 2.63
C PHE B 452 3.61 3.19 2.84
N TYR B 453 4.11 2.73 3.99
CA TYR B 453 5.51 2.89 4.34
C TYR B 453 6.38 1.99 3.45
N GLN B 454 5.92 0.77 3.20
CA GLN B 454 6.61 -0.13 2.29
C GLN B 454 6.87 0.57 0.96
N GLN B 455 5.83 1.20 0.41
CA GLN B 455 5.92 1.86 -0.87
C GLN B 455 6.83 3.09 -0.76
N TYR B 456 6.72 3.81 0.36
CA TYR B 456 7.47 5.04 0.52
C TYR B 456 8.96 4.71 0.59
N ILE B 457 9.31 3.61 1.24
CA ILE B 457 10.71 3.23 1.36
C ILE B 457 11.26 2.90 -0.02
N LYS B 458 10.51 2.08 -0.77
CA LYS B 458 10.97 1.64 -2.07
C LYS B 458 11.16 2.84 -3.00
N GLU B 459 10.27 3.84 -2.90
CA GLU B 459 10.35 5.00 -3.76
C GLU B 459 11.42 5.99 -3.30
N ASN B 460 11.96 5.84 -2.09
CA ASN B 460 12.85 6.84 -1.53
C ASN B 460 14.13 6.21 -1.05
N SER B 461 14.52 5.16 -1.79
CA SER B 461 15.77 4.45 -1.59
C SER B 461 16.20 3.88 -2.94
C2 BGC C . -15.14 -5.63 -19.77
C3 BGC C . -15.19 -5.82 -18.26
C4 BGC C . -16.50 -5.25 -17.74
C5 BGC C . -17.65 -5.99 -18.41
C6 BGC C . -19.02 -5.53 -17.95
C1 BGC C . -16.41 -6.17 -20.43
O1 BGC C . -16.41 -5.85 -21.74
O2 BGC C . -14.03 -6.31 -20.35
O3 BGC C . -14.03 -5.22 -17.67
O4 BGC C . -16.60 -5.41 -16.32
O5 BGC C . -17.61 -5.74 -19.84
O6 BGC C . -19.21 -4.15 -18.24
H2 BGC C . -15.08 -4.67 -19.98
H3 BGC C . -15.17 -6.79 -18.07
H4 BGC C . -16.54 -4.29 -17.96
H5 BGC C . -17.56 -6.96 -18.24
H61 BGC C . -19.11 -5.68 -16.98
H62 BGC C . -19.72 -6.06 -18.40
H1 BGC C . -16.39 -7.14 -20.37
HO1 BGC C . -16.44 -6.57 -22.20
HO2 BGC C . -14.32 -6.85 -20.91
HO3 BGC C . -14.28 -4.63 -17.10
HO4 BGC C . -17.28 -5.90 -16.13
HO6 BGC C . -18.51 -3.82 -18.64
OH2 1PE D . -21.25 13.40 -2.68
C12 1PE D . -22.54 13.12 -3.19
C22 1PE D . -22.94 11.68 -3.01
OH3 1PE D . -24.14 11.43 -3.74
C13 1PE D . -23.19 9.84 -5.24
C23 1PE D . -24.26 10.10 -4.25
OH4 1PE D . -23.70 9.21 -6.40
C14 1PE D . -21.95 10.32 -7.71
C24 1PE D . -22.72 9.04 -7.43
OH5 1PE D . -20.79 10.08 -8.51
C15 1PE D . -19.62 10.30 -10.57
C25 1PE D . -20.71 10.84 -9.70
OH6 1PE D . -19.89 10.51 -11.95
C16 1PE D . -19.79 8.34 -13.01
C26 1PE D . -20.64 9.48 -12.58
OH7 1PE D . -20.40 7.59 -14.08
HO2 1PE D . -21.06 14.24 -2.85
H121 1PE D . -22.57 13.33 -4.15
H122 1PE D . -23.19 13.69 -2.74
H221 1PE D . -23.09 11.50 -2.05
H222 1PE D . -22.23 11.10 -3.32
H131 1PE D . -22.50 9.28 -4.83
H132 1PE D . -22.78 10.69 -5.48
H231 1PE D . -25.14 9.98 -4.68
H232 1PE D . -24.19 9.45 -3.51
H141 1PE D . -21.67 10.72 -6.86
H142 1PE D . -22.54 10.96 -8.17
H241 1PE D . -23.17 8.75 -8.26
H242 1PE D . -22.11 8.34 -7.17
H151 1PE D . -19.50 9.34 -10.39
H152 1PE D . -18.77 10.74 -10.34
H251 1PE D . -20.52 11.78 -9.49
H252 1PE D . -21.55 10.81 -10.19
H161 1PE D . -19.64 7.74 -12.25
H162 1PE D . -18.93 8.68 -13.31
H261 1PE D . -21.10 9.85 -13.35
H262 1PE D . -21.33 9.16 -11.95
HO7 1PE D . -21.21 7.44 -13.90
C1 PEG E . -21.35 2.45 -0.25
O1 PEG E . -20.52 3.24 -1.07
C2 PEG E . -20.68 1.18 0.21
O2 PEG E . -20.72 0.18 -0.82
C3 PEG E . -19.48 -0.02 -1.49
C4 PEG E . -18.79 -1.24 -0.98
O4 PEG E . -17.37 -1.13 -1.03
H11 PEG E . -22.16 2.22 -0.75
H12 PEG E . -21.61 2.97 0.53
HO1 PEG E . -20.82 3.85 -1.46
H21 PEG E . -21.14 0.84 1.00
H22 PEG E . -19.75 1.35 0.45
H31 PEG E . -18.90 0.77 -1.36
H32 PEG E . -19.64 -0.12 -2.46
H41 PEG E . -19.06 -2.02 -1.51
H42 PEG E . -19.06 -1.39 -0.04
HO4 PEG E . -17.13 -0.95 -1.82
CL CL F . 10.28 -20.97 -26.54
C2 BGC G . 9.27 6.43 23.67
C3 BGC G . 8.43 5.18 23.49
C4 BGC G . 6.97 5.58 23.59
C5 BGC G . 6.65 6.52 22.44
C6 BGC G . 5.20 6.95 22.39
C1 BGC G . 8.83 7.51 22.68
O1 BGC G . 9.40 8.71 23.02
O2 BGC G . 10.67 6.16 23.50
O3 BGC G . 8.76 4.19 24.45
O4 BGC G . 6.13 4.44 23.49
O5 BGC G . 7.42 7.73 22.62
O6 BGC G . 4.86 7.68 23.57
H2 BGC G . 9.12 6.77 24.58
H3 BGC G . 8.60 4.82 22.59
H4 BGC G . 6.81 6.03 24.45
H5 BGC G . 6.89 6.10 21.58
H61 BGC G . 4.62 6.16 22.33
H62 BGC G . 5.05 7.51 21.60
H1 BGC G . 9.14 7.28 21.80
HO1 BGC G . 9.56 9.15 22.32
HO2 BGC G . 10.98 6.68 22.92
HO3 BGC G . 8.07 3.99 24.89
HO4 BGC G . 5.63 4.51 22.83
HO6 BGC G . 5.54 7.75 24.10
OH2 1PE H . -1.63 8.65 33.60
C12 1PE H . -1.57 7.58 34.53
C22 1PE H . -2.54 6.49 34.18
OH3 1PE H . -2.78 5.68 35.33
C13 1PE H . -4.42 4.84 36.87
C23 1PE H . -3.94 6.05 36.08
OH4 1PE H . -5.75 4.48 36.48
C14 1PE H . -7.45 2.77 36.21
C24 1PE H . -6.02 3.08 36.61
OH5 1PE H . -7.69 3.18 34.86
C15 1PE H . -9.96 2.72 34.22
C25 1PE H . -8.52 2.30 34.12
OH6 1PE H . -10.61 2.01 35.28
C16 1PE H . -12.12 0.26 35.88
C26 1PE H . -11.05 0.71 34.93
OH7 1PE H . -11.69 0.19 37.23
HO2 1PE H . -1.07 9.30 33.97
H121 1PE H . -1.76 7.91 35.42
H122 1PE H . -0.66 7.21 34.52
H221 1PE H . -2.17 5.94 33.47
H222 1PE H . -3.38 6.88 33.86
H131 1PE H . -4.42 5.06 37.84
H132 1PE H . -3.82 4.09 36.73
H231 1PE H . -4.64 6.36 35.48
H232 1PE H . -3.71 6.79 36.70
H141 1PE H . -8.06 3.24 36.80
H142 1PE H . -7.61 1.82 36.30
H241 1PE H . -5.89 2.81 37.54
H242 1PE H . -5.40 2.58 36.05
H151 1PE H . -10.41 2.53 33.37
H152 1PE H . -10.01 3.68 34.39
H251 1PE H . -8.44 1.39 34.47
H252 1PE H . -8.25 2.29 33.17
H161 1PE H . -12.45 -0.63 35.61
H162 1PE H . -12.88 0.89 35.82
H261 1PE H . -10.30 0.08 34.97
H262 1PE H . -11.39 0.71 34.02
HO7 1PE H . -10.90 0.50 37.28
#